data_5NOO
#
_entry.id   5NOO
#
_cell.length_a   70.085
_cell.length_b   94.314
_cell.length_c   122.048
_cell.angle_alpha   90.000
_cell.angle_beta   105.360
_cell.angle_gamma   90.000
#
_symmetry.space_group_name_H-M   'P 1 21 1'
#
loop_
_entity.id
_entity.type
_entity.pdbx_description
1 polymer 'Thymidylate synthase'
2 non-polymer "2'-DEOXYURIDINE 5'-MONOPHOSPHATE"
3 non-polymer TOMUDEX
4 water water
#
_entity_poly.entity_id   1
_entity_poly.type   'polypeptide(L)'
_entity_poly.pdbx_seq_one_letter_code
;MEVMNKENIIADAPSDVVKTVQQQVHLNQDEYKYLKQVEQILREGTRRDDRTGTGTISIFGMQSKYCLRNGTIPLLTTKR
VYWKGVLEELLWFISGSTDGKLLMEKNVKIWEKNGDRAFLDNLGFTSREEGDLGPVYGFQWRHFGAKYVDCHTDYSGQGV
DQLAEVIRQIKEQPDSRRIIMSAWNPSDLGQMVLPPCHTMCQFYVDNGELSCQLYQRSGDMGLGVPFNLASYGLLTHMIA
KVCGLKPGTLVHTLGDAHVYSNHVDALKIQLDREPYAFPKIRFTRDVASIDDFTSDMIALDDYKCHPKIPMDMAV
;
_entity_poly.pdbx_strand_id   A,B,C,D
#
# COMPACT_ATOMS: atom_id res chain seq x y z
N GLN A 24 -1.61 -3.18 29.79
CA GLN A 24 -2.00 -2.49 31.02
C GLN A 24 -3.11 -1.48 30.75
N VAL A 25 -3.79 -1.06 31.81
CA VAL A 25 -4.73 0.05 31.73
C VAL A 25 -3.98 1.33 32.05
N HIS A 26 -4.21 2.37 31.26
CA HIS A 26 -3.62 3.67 31.47
C HIS A 26 -4.64 4.58 32.17
N LEU A 27 -4.13 5.46 33.03
CA LEU A 27 -5.00 6.38 33.76
C LEU A 27 -5.88 7.17 32.80
N ASN A 28 -5.34 7.55 31.65
CA ASN A 28 -6.09 8.28 30.62
C ASN A 28 -5.96 7.46 29.33
N GLN A 29 -6.91 6.55 29.11
CA GLN A 29 -6.85 5.69 27.94
C GLN A 29 -7.07 6.47 26.65
N ASP A 30 -7.94 7.48 26.70
CA ASP A 30 -8.32 8.19 25.48
C ASP A 30 -7.14 8.93 24.86
N GLU A 31 -6.30 9.55 25.69
CA GLU A 31 -5.12 10.22 25.16
C GLU A 31 -4.05 9.23 24.75
N TYR A 32 -3.96 8.09 25.44
CA TYR A 32 -3.03 7.05 25.00
C TYR A 32 -3.38 6.60 23.59
N LYS A 33 -4.67 6.41 23.30
CA LYS A 33 -5.08 6.05 21.96
C LYS A 33 -4.70 7.13 20.95
N TYR A 34 -4.76 8.39 21.35
CA TYR A 34 -4.31 9.46 20.46
C TYR A 34 -2.83 9.31 20.16
N LEU A 35 -2.02 9.02 21.18
CA LEU A 35 -0.60 8.77 20.95
C LEU A 35 -0.40 7.57 20.02
N LYS A 36 -1.24 6.55 20.15
CA LYS A 36 -1.14 5.41 19.25
C LYS A 36 -1.56 5.80 17.83
N GLN A 37 -2.48 6.76 17.71
CA GLN A 37 -2.77 7.34 16.40
C GLN A 37 -1.51 7.95 15.79
N VAL A 38 -0.86 8.85 16.52
CA VAL A 38 0.39 9.45 16.05
C VAL A 38 1.40 8.35 15.73
N GLU A 39 1.50 7.37 16.62
CA GLU A 39 2.46 6.28 16.41
C GLU A 39 2.13 5.51 15.14
N GLN A 40 0.83 5.27 14.89
CA GLN A 40 0.44 4.55 13.69
C GLN A 40 0.75 5.34 12.43
N ILE A 41 0.59 6.67 12.47
CA ILE A 41 0.91 7.50 11.31
C ILE A 41 2.39 7.38 10.97
N LEU A 42 3.26 7.46 11.98
CA LEU A 42 4.69 7.40 11.72
C LEU A 42 5.11 6.02 11.21
N ARG A 43 4.43 4.96 11.65
CA ARG A 43 4.77 3.60 11.26
C ARG A 43 4.20 3.23 9.90
N GLU A 44 2.94 3.61 9.62
CA GLU A 44 2.24 3.17 8.42
C GLU A 44 1.98 4.28 7.41
N GLY A 45 2.08 5.54 7.80
CA GLY A 45 1.73 6.63 6.91
C GLY A 45 2.58 6.67 5.66
N THR A 46 2.09 7.39 4.66
CA THR A 46 2.79 7.58 3.40
C THR A 46 3.48 8.94 3.40
N ARG A 47 4.72 8.96 2.92
CA ARG A 47 5.55 10.16 2.93
C ARG A 47 5.34 10.92 1.62
N ARG A 48 4.86 12.15 1.73
CA ARG A 48 4.53 12.97 0.57
C ARG A 48 5.02 14.39 0.82
N ASP A 49 5.23 15.14 -0.26
CA ASP A 49 5.60 16.55 -0.18
C ASP A 49 4.36 17.36 -0.55
N ASP A 50 3.84 18.12 0.42
CA ASP A 50 2.46 18.60 0.34
C ASP A 50 2.21 19.42 -0.91
N ARG A 51 3.13 20.34 -1.24
CA ARG A 51 2.98 21.14 -2.46
C ARG A 51 4.19 22.06 -2.62
N THR A 52 4.64 22.66 -1.53
CA THR A 52 5.77 23.58 -1.53
C THR A 52 7.08 22.88 -1.19
N GLY A 53 7.12 21.55 -1.22
CA GLY A 53 8.29 20.83 -0.78
C GLY A 53 8.13 20.22 0.59
N THR A 54 7.49 20.94 1.51
CA THR A 54 7.41 20.53 2.90
C THR A 54 6.71 19.18 3.04
N GLY A 55 7.44 18.20 3.59
CA GLY A 55 6.94 16.84 3.63
C GLY A 55 6.00 16.58 4.79
N THR A 56 5.18 15.54 4.63
CA THR A 56 4.26 15.08 5.66
C THR A 56 4.26 13.56 5.69
N ILE A 57 3.87 13.01 6.83
CA ILE A 57 3.59 11.59 6.98
C ILE A 57 2.10 11.47 7.26
N SER A 58 1.39 10.70 6.44
CA SER A 58 -0.06 10.81 6.38
C SER A 58 -0.75 9.46 6.28
N ILE A 59 -1.84 9.32 7.03
CA ILE A 59 -2.81 8.25 6.84
C ILE A 59 -4.13 8.90 6.46
N PHE A 60 -4.83 8.30 5.50
CA PHE A 60 -6.15 8.78 5.10
C PHE A 60 -7.20 7.89 5.75
N GLY A 61 -8.01 8.48 6.63
CA GLY A 61 -9.07 7.75 7.29
C GLY A 61 -8.68 7.27 8.67
N MET A 62 -9.13 7.99 9.70
CA MET A 62 -8.90 7.59 11.08
C MET A 62 -10.10 8.03 11.91
N GLN A 63 -10.24 7.42 13.09
CA GLN A 63 -11.34 7.75 13.97
C GLN A 63 -10.97 7.41 15.41
N SER A 64 -11.29 8.33 16.32
CA SER A 64 -11.07 8.13 17.75
C SER A 64 -12.29 8.64 18.52
N LYS A 65 -12.45 8.11 19.73
CA LYS A 65 -13.54 8.51 20.62
C LYS A 65 -12.96 8.94 21.96
N TYR A 66 -13.53 10.01 22.52
CA TYR A 66 -13.08 10.59 23.77
C TYR A 66 -14.27 10.77 24.69
N CYS A 67 -14.17 10.24 25.90
CA CYS A 67 -15.26 10.31 26.87
C CYS A 67 -15.36 11.72 27.44
N LEU A 68 -16.56 12.29 27.39
CA LEU A 68 -16.83 13.59 27.98
C LEU A 68 -17.61 13.50 29.28
N ARG A 69 -17.94 12.29 29.74
CA ARG A 69 -18.82 12.13 30.88
C ARG A 69 -18.20 12.73 32.14
N ASN A 70 -19.06 13.27 33.00
CA ASN A 70 -18.67 13.92 34.25
C ASN A 70 -17.87 15.20 34.01
N GLY A 71 -18.16 15.91 32.93
CA GLY A 71 -17.53 17.20 32.68
C GLY A 71 -16.11 17.12 32.17
N THR A 72 -15.65 15.94 31.80
CA THR A 72 -14.28 15.79 31.28
C THR A 72 -14.17 16.43 29.90
N ILE A 73 -13.02 17.05 29.65
CA ILE A 73 -12.76 17.69 28.37
C ILE A 73 -11.39 17.22 27.87
N PRO A 74 -11.29 16.69 26.63
CA PRO A 74 -10.01 16.08 26.19
C PRO A 74 -8.96 17.10 25.76
N LEU A 75 -8.39 17.78 26.74
CA LEU A 75 -7.23 18.64 26.52
C LEU A 75 -5.97 17.83 26.81
N LEU A 76 -5.17 17.60 25.79
CA LEU A 76 -4.04 16.68 25.92
C LEU A 76 -3.09 17.14 27.01
N THR A 77 -2.60 16.18 27.79
CA THR A 77 -1.69 16.44 28.88
C THR A 77 -0.23 16.23 28.51
N THR A 78 0.05 15.43 27.48
CA THR A 78 1.43 15.23 27.04
C THR A 78 1.98 16.44 26.30
N LYS A 79 1.11 17.31 25.78
CA LYS A 79 1.53 18.56 25.14
C LYS A 79 0.44 19.59 25.37
N ARG A 80 0.79 20.68 26.06
CA ARG A 80 -0.22 21.65 26.47
C ARG A 80 -0.95 22.22 25.25
N VAL A 81 -2.23 22.53 25.45
CA VAL A 81 -3.10 23.08 24.43
C VAL A 81 -3.38 24.54 24.79
N TYR A 82 -3.53 25.37 23.76
CA TYR A 82 -3.77 26.81 23.95
C TYR A 82 -5.23 26.99 24.36
N TRP A 83 -5.50 26.69 25.64
CA TRP A 83 -6.88 26.69 26.13
C TRP A 83 -7.55 28.04 25.91
N LYS A 84 -6.83 29.13 26.17
CA LYS A 84 -7.40 30.46 25.99
C LYS A 84 -7.82 30.66 24.53
N GLY A 85 -7.03 30.12 23.60
CA GLY A 85 -7.41 30.18 22.19
C GLY A 85 -8.67 29.40 21.88
N VAL A 86 -8.75 28.15 22.36
CA VAL A 86 -9.94 27.33 22.14
C VAL A 86 -11.18 28.07 22.62
N LEU A 87 -11.11 28.57 23.85
CA LEU A 87 -12.29 29.18 24.47
C LEU A 87 -12.70 30.44 23.72
N GLU A 88 -11.77 31.37 23.54
CA GLU A 88 -12.11 32.65 22.92
C GLU A 88 -12.49 32.48 21.46
N GLU A 89 -11.82 31.56 20.75
CA GLU A 89 -12.17 31.32 19.36
C GLU A 89 -13.57 30.73 19.23
N LEU A 90 -13.93 29.79 20.11
CA LEU A 90 -15.23 29.14 20.00
C LEU A 90 -16.37 30.12 20.27
N LEU A 91 -16.23 30.94 21.30
CA LEU A 91 -17.21 32.00 21.52
C LEU A 91 -17.29 32.92 20.32
N TRP A 92 -16.13 33.23 19.73
CA TRP A 92 -16.09 34.02 18.51
C TRP A 92 -16.85 33.35 17.36
N PHE A 93 -16.64 32.04 17.19
CA PHE A 93 -17.44 31.30 16.20
C PHE A 93 -18.93 31.45 16.48
N ILE A 94 -19.33 31.20 17.73
CA ILE A 94 -20.75 31.19 18.07
C ILE A 94 -21.37 32.55 17.81
N SER A 95 -20.65 33.62 18.16
CA SER A 95 -21.15 34.97 17.93
C SER A 95 -21.41 35.25 16.45
N GLY A 96 -20.90 34.42 15.55
CA GLY A 96 -21.06 34.61 14.13
C GLY A 96 -20.04 35.55 13.50
N SER A 97 -19.06 36.02 14.27
CA SER A 97 -18.12 37.01 13.78
C SER A 97 -17.15 36.40 12.78
N THR A 98 -16.83 37.20 11.75
CA THR A 98 -15.75 36.87 10.82
C THR A 98 -14.65 37.93 10.85
N ASP A 99 -14.65 38.78 11.87
CA ASP A 99 -13.66 39.85 12.02
C ASP A 99 -12.53 39.36 12.94
N GLY A 100 -11.37 39.05 12.34
CA GLY A 100 -10.24 38.61 13.13
C GLY A 100 -9.79 39.60 14.19
N LYS A 101 -10.13 40.88 14.02
CA LYS A 101 -9.69 41.91 14.95
C LYS A 101 -10.33 41.74 16.32
N LEU A 102 -11.53 41.16 16.39
CA LEU A 102 -12.15 40.91 17.68
C LEU A 102 -11.37 39.89 18.49
N LEU A 103 -10.76 38.90 17.81
CA LEU A 103 -9.98 37.89 18.53
C LEU A 103 -8.67 38.47 19.05
N MET A 104 -8.04 39.36 18.28
CA MET A 104 -6.80 39.98 18.74
C MET A 104 -7.04 40.87 19.94
N GLU A 105 -8.20 41.52 20.03
CA GLU A 105 -8.56 42.28 21.22
C GLU A 105 -8.65 41.41 22.46
N LYS A 106 -8.71 40.08 22.30
CA LYS A 106 -8.59 39.14 23.42
C LYS A 106 -7.18 38.59 23.55
N ASN A 107 -6.25 39.02 22.69
CA ASN A 107 -4.87 38.53 22.73
C ASN A 107 -4.79 37.08 22.26
N VAL A 108 -5.46 36.79 21.14
CA VAL A 108 -5.47 35.48 20.52
C VAL A 108 -5.11 35.67 19.04
N LYS A 109 -3.91 35.25 18.67
CA LYS A 109 -3.28 35.60 17.41
C LYS A 109 -3.32 34.46 16.38
N ILE A 110 -4.24 33.50 16.51
CA ILE A 110 -4.20 32.35 15.60
C ILE A 110 -4.66 32.73 14.20
N TRP A 111 -5.52 33.73 14.08
CA TRP A 111 -6.04 34.17 12.78
C TRP A 111 -5.37 35.44 12.27
N GLU A 112 -4.30 35.90 12.93
CA GLU A 112 -3.68 37.16 12.54
C GLU A 112 -2.98 37.05 11.19
N LYS A 113 -2.09 36.06 11.02
CA LYS A 113 -1.37 35.97 9.76
C LYS A 113 -2.31 35.71 8.58
N ASN A 114 -3.43 35.05 8.82
CA ASN A 114 -4.35 34.72 7.74
C ASN A 114 -5.24 35.90 7.34
N GLY A 115 -5.22 36.99 8.08
CA GLY A 115 -6.11 38.10 7.82
C GLY A 115 -5.40 39.42 7.62
N ASP A 116 -4.08 39.43 7.49
CA ASP A 116 -3.36 40.69 7.33
C ASP A 116 -3.22 41.03 5.84
N ARG A 117 -2.61 42.18 5.58
CA ARG A 117 -2.58 42.72 4.22
C ARG A 117 -1.89 41.75 3.26
N ALA A 118 -0.70 41.27 3.62
CA ALA A 118 0.06 40.41 2.72
C ALA A 118 -0.75 39.19 2.33
N PHE A 119 -1.27 38.46 3.32
CA PHE A 119 -1.99 37.22 3.04
C PHE A 119 -3.25 37.49 2.22
N LEU A 120 -3.97 38.57 2.53
CA LEU A 120 -5.17 38.89 1.80
C LEU A 120 -4.85 39.22 0.34
N ASP A 121 -3.87 40.09 0.13
CA ASP A 121 -3.50 40.47 -1.24
C ASP A 121 -3.04 39.26 -2.03
N ASN A 122 -2.35 38.33 -1.38
CA ASN A 122 -1.87 37.14 -2.08
C ASN A 122 -3.02 36.30 -2.63
N LEU A 123 -4.20 36.38 -1.99
CA LEU A 123 -5.39 35.69 -2.47
C LEU A 123 -6.22 36.57 -3.41
N GLY A 124 -5.78 37.78 -3.69
CA GLY A 124 -6.51 38.68 -4.57
C GLY A 124 -7.57 39.51 -3.89
N PHE A 125 -7.67 39.45 -2.57
CA PHE A 125 -8.60 40.29 -1.82
C PHE A 125 -7.99 41.65 -1.52
N THR A 126 -7.54 42.32 -2.58
CA THR A 126 -6.80 43.56 -2.44
C THR A 126 -7.68 44.72 -1.97
N SER A 127 -9.00 44.57 -2.06
CA SER A 127 -9.94 45.58 -1.60
C SER A 127 -10.47 45.31 -0.19
N ARG A 128 -10.04 44.24 0.45
CA ARG A 128 -10.62 43.81 1.71
C ARG A 128 -9.91 44.42 2.89
N GLU A 129 -10.69 44.89 3.85
CA GLU A 129 -10.12 45.41 5.09
C GLU A 129 -9.29 44.33 5.77
N GLU A 130 -8.23 44.74 6.45
CA GLU A 130 -7.40 43.79 7.17
C GLU A 130 -8.22 43.13 8.28
N GLY A 131 -8.11 41.80 8.36
CA GLY A 131 -8.81 41.04 9.37
C GLY A 131 -10.16 40.50 8.95
N ASP A 132 -10.69 40.93 7.80
CA ASP A 132 -11.95 40.39 7.30
C ASP A 132 -11.67 39.05 6.66
N LEU A 133 -11.88 37.98 7.43
CA LEU A 133 -11.53 36.64 7.00
C LEU A 133 -12.48 36.08 5.96
N GLY A 134 -13.56 36.78 5.65
CA GLY A 134 -14.53 36.29 4.71
C GLY A 134 -15.59 35.45 5.39
N PRO A 135 -16.40 34.75 4.62
CA PRO A 135 -17.52 33.96 5.16
C PRO A 135 -17.06 32.62 5.75
N VAL A 136 -16.19 32.69 6.76
CA VAL A 136 -15.68 31.48 7.40
C VAL A 136 -16.64 30.99 8.47
N TYR A 137 -16.18 30.06 9.30
CA TYR A 137 -17.01 29.31 10.25
C TYR A 137 -18.19 30.07 10.82
N GLY A 138 -17.92 31.11 11.61
CA GLY A 138 -19.00 31.82 12.28
C GLY A 138 -20.14 32.19 11.35
N PHE A 139 -19.81 32.68 10.16
CA PHE A 139 -20.84 33.07 9.20
C PHE A 139 -21.64 31.87 8.73
N GLN A 140 -20.98 30.74 8.45
CA GLN A 140 -21.68 29.56 7.97
C GLN A 140 -22.53 28.93 9.05
N TRP A 141 -22.04 28.92 10.29
CA TRP A 141 -22.80 28.30 11.37
C TRP A 141 -24.12 29.02 11.60
N ARG A 142 -24.13 30.35 11.52
CA ARG A 142 -25.30 31.13 11.90
C ARG A 142 -26.03 31.77 10.72
N HIS A 143 -25.44 31.81 9.53
CA HIS A 143 -26.09 32.45 8.39
C HIS A 143 -25.74 31.72 7.10
N PHE A 144 -25.81 30.39 7.11
CA PHE A 144 -25.48 29.62 5.92
C PHE A 144 -26.38 30.04 4.76
N GLY A 145 -25.77 30.25 3.60
CA GLY A 145 -26.51 30.62 2.41
C GLY A 145 -26.73 32.11 2.24
N ALA A 146 -26.31 32.93 3.19
CA ALA A 146 -26.51 34.36 3.10
C ALA A 146 -25.44 35.00 2.22
N LYS A 147 -25.77 36.18 1.68
CA LYS A 147 -24.87 36.90 0.81
C LYS A 147 -23.86 37.66 1.68
N TYR A 148 -22.61 37.20 1.68
CA TYR A 148 -21.56 37.88 2.44
C TYR A 148 -21.10 39.13 1.70
N VAL A 149 -20.68 40.13 2.48
CA VAL A 149 -20.10 41.35 1.92
C VAL A 149 -18.85 41.71 2.70
N ASP A 150 -18.94 41.80 4.02
CA ASP A 150 -17.78 42.08 4.87
C ASP A 150 -18.13 41.71 6.31
N CYS A 151 -17.15 41.83 7.20
CA CYS A 151 -17.30 41.40 8.58
C CYS A 151 -17.99 42.43 9.47
N HIS A 152 -18.36 43.60 8.94
CA HIS A 152 -19.06 44.62 9.72
C HIS A 152 -20.51 44.78 9.28
N THR A 153 -21.08 43.76 8.63
CA THR A 153 -22.44 43.83 8.11
C THR A 153 -23.38 43.08 9.04
N ASP A 154 -24.56 43.66 9.26
CA ASP A 154 -25.57 43.03 10.09
C ASP A 154 -26.27 41.96 9.25
N TYR A 155 -26.04 40.69 9.58
CA TYR A 155 -26.63 39.57 8.86
C TYR A 155 -27.86 39.00 9.57
N SER A 156 -28.42 39.74 10.52
CA SER A 156 -29.56 39.23 11.27
C SER A 156 -30.68 38.82 10.34
N GLY A 157 -31.18 37.60 10.54
CA GLY A 157 -32.29 37.06 9.77
C GLY A 157 -31.92 36.60 8.38
N GLN A 158 -30.66 36.67 7.99
CA GLN A 158 -30.21 36.19 6.69
C GLN A 158 -29.58 34.81 6.86
N GLY A 159 -29.88 33.92 5.91
CA GLY A 159 -29.32 32.58 5.92
C GLY A 159 -29.91 31.70 7.01
N VAL A 160 -29.38 30.48 7.08
CA VAL A 160 -29.84 29.47 8.03
C VAL A 160 -28.99 29.53 9.29
N ASP A 161 -29.66 29.56 10.44
CA ASP A 161 -28.98 29.48 11.74
C ASP A 161 -28.83 28.01 12.12
N GLN A 162 -27.78 27.38 11.58
CA GLN A 162 -27.57 25.97 11.83
C GLN A 162 -27.42 25.67 13.32
N LEU A 163 -26.71 26.54 14.05
CA LEU A 163 -26.49 26.26 15.47
C LEU A 163 -27.79 26.34 16.26
N ALA A 164 -28.71 27.22 15.87
CA ALA A 164 -30.01 27.28 16.54
C ALA A 164 -30.88 26.09 16.16
N GLU A 165 -30.81 25.66 14.90
CA GLU A 165 -31.56 24.48 14.47
C GLU A 165 -31.09 23.23 15.19
N VAL A 166 -29.78 23.09 15.37
CA VAL A 166 -29.25 21.94 16.09
C VAL A 166 -29.80 21.89 17.51
N ILE A 167 -29.78 23.03 18.20
CA ILE A 167 -30.25 23.08 19.57
C ILE A 167 -31.74 22.80 19.64
N ARG A 168 -32.48 23.24 18.63
CA ARG A 168 -33.91 22.94 18.58
C ARG A 168 -34.14 21.45 18.36
N GLN A 169 -33.36 20.83 17.48
CA GLN A 169 -33.52 19.41 17.20
C GLN A 169 -33.22 18.58 18.45
N ILE A 170 -32.14 18.91 19.15
CA ILE A 170 -31.77 18.15 20.35
C ILE A 170 -32.88 18.21 21.39
N LYS A 171 -33.49 19.39 21.56
CA LYS A 171 -34.53 19.53 22.58
C LYS A 171 -35.81 18.82 22.18
N GLU A 172 -36.26 19.03 20.94
CA GLU A 172 -37.58 18.60 20.52
C GLU A 172 -37.58 17.27 19.78
N GLN A 173 -36.46 16.86 19.19
CA GLN A 173 -36.38 15.61 18.42
C GLN A 173 -35.08 14.89 18.75
N PRO A 174 -34.90 14.50 20.03
CA PRO A 174 -33.60 13.94 20.43
C PRO A 174 -33.19 12.71 19.64
N ASP A 175 -34.14 11.94 19.11
CA ASP A 175 -33.83 10.73 18.38
C ASP A 175 -33.39 10.99 16.95
N SER A 176 -33.36 12.24 16.51
CA SER A 176 -33.11 12.56 15.11
C SER A 176 -31.71 12.13 14.70
N ARG A 177 -31.61 11.67 13.45
CA ARG A 177 -30.34 11.29 12.84
C ARG A 177 -29.88 12.32 11.81
N ARG A 178 -30.41 13.55 11.87
CA ARG A 178 -30.07 14.61 10.95
C ARG A 178 -29.65 15.88 11.69
N ILE A 179 -29.14 15.73 12.91
CA ILE A 179 -28.68 16.88 13.68
C ILE A 179 -27.27 17.24 13.22
N ILE A 180 -27.17 18.13 12.24
CA ILE A 180 -25.92 18.35 11.52
C ILE A 180 -25.68 19.84 11.37
N MET A 181 -24.41 20.24 11.44
CA MET A 181 -23.98 21.61 11.23
C MET A 181 -22.74 21.59 10.36
N SER A 182 -22.82 22.19 9.17
CA SER A 182 -21.71 22.17 8.22
C SER A 182 -21.16 23.58 8.01
N ALA A 183 -19.84 23.67 7.95
CA ALA A 183 -19.15 24.90 7.59
C ALA A 183 -18.67 24.88 6.15
N TRP A 184 -18.96 23.82 5.41
CA TRP A 184 -18.49 23.65 4.03
C TRP A 184 -19.55 24.22 3.09
N ASN A 185 -19.29 25.41 2.58
CA ASN A 185 -20.18 26.08 1.63
C ASN A 185 -19.43 26.30 0.32
N PRO A 186 -19.60 25.42 -0.68
CA PRO A 186 -18.87 25.61 -1.94
C PRO A 186 -19.00 26.99 -2.55
N SER A 187 -20.15 27.65 -2.41
CA SER A 187 -20.33 28.96 -3.01
C SER A 187 -19.43 30.01 -2.39
N ASP A 188 -19.12 29.86 -1.10
CA ASP A 188 -18.34 30.85 -0.37
C ASP A 188 -16.87 30.48 -0.22
N LEU A 189 -16.47 29.27 -0.61
CA LEU A 189 -15.08 28.86 -0.43
C LEU A 189 -14.11 29.87 -1.02
N GLY A 190 -14.45 30.42 -2.20
CA GLY A 190 -13.54 31.33 -2.87
C GLY A 190 -13.19 32.54 -2.03
N GLN A 191 -14.16 33.05 -1.26
CA GLN A 191 -13.97 34.27 -0.49
C GLN A 191 -13.45 34.00 0.92
N MET A 192 -13.18 32.75 1.27
CA MET A 192 -12.61 32.42 2.56
C MET A 192 -11.09 32.55 2.51
N VAL A 193 -10.51 33.14 3.54
CA VAL A 193 -9.05 33.17 3.63
C VAL A 193 -8.52 31.76 3.74
N LEU A 194 -9.25 30.88 4.42
CA LEU A 194 -8.83 29.50 4.61
C LEU A 194 -10.06 28.61 4.50
N PRO A 195 -10.02 27.54 3.70
CA PRO A 195 -11.17 26.66 3.64
C PRO A 195 -11.36 25.95 4.96
N PRO A 196 -12.60 25.64 5.33
CA PRO A 196 -12.83 25.04 6.65
C PRO A 196 -12.00 23.78 6.81
N CYS A 197 -11.50 23.58 8.02
CA CYS A 197 -10.71 22.40 8.34
C CYS A 197 -11.56 21.35 9.05
N HIS A 198 -12.25 21.75 10.11
CA HIS A 198 -13.30 20.92 10.70
C HIS A 198 -14.58 21.26 9.95
N THR A 199 -14.95 20.39 8.99
CA THR A 199 -15.92 20.77 7.97
C THR A 199 -17.36 20.56 8.41
N MET A 200 -17.63 19.63 9.32
CA MET A 200 -18.99 19.42 9.80
C MET A 200 -18.96 18.59 11.07
N CYS A 201 -20.08 18.61 11.78
CA CYS A 201 -20.25 17.80 12.97
C CYS A 201 -21.70 17.33 13.06
N GLN A 202 -21.89 16.23 13.76
CA GLN A 202 -23.20 15.63 13.96
C GLN A 202 -23.41 15.39 15.45
N PHE A 203 -24.62 15.66 15.92
CA PHE A 203 -24.96 15.46 17.32
C PHE A 203 -25.93 14.29 17.45
N TYR A 204 -26.06 13.79 18.67
CA TYR A 204 -26.63 12.47 18.90
C TYR A 204 -27.00 12.34 20.37
N VAL A 205 -28.25 11.97 20.65
CA VAL A 205 -28.76 11.88 22.01
C VAL A 205 -29.08 10.42 22.32
N ASP A 206 -28.64 9.96 23.49
CA ASP A 206 -28.87 8.59 23.91
C ASP A 206 -28.90 8.55 25.43
N ASN A 207 -30.03 8.17 26.00
CA ASN A 207 -30.20 8.07 27.46
C ASN A 207 -29.78 9.36 28.15
N GLY A 208 -30.26 10.48 27.62
CA GLY A 208 -30.01 11.78 28.20
C GLY A 208 -28.59 12.28 28.07
N GLU A 209 -27.78 11.66 27.23
CA GLU A 209 -26.39 12.05 27.01
C GLU A 209 -26.21 12.59 25.60
N LEU A 210 -25.57 13.74 25.48
CA LEU A 210 -25.34 14.38 24.19
C LEU A 210 -23.93 14.03 23.69
N SER A 211 -23.86 13.42 22.51
CA SER A 211 -22.61 13.10 21.85
C SER A 211 -22.46 13.94 20.59
N CYS A 212 -21.23 13.97 20.07
CA CYS A 212 -20.90 14.81 18.93
C CYS A 212 -19.82 14.13 18.09
N GLN A 213 -20.08 13.93 16.81
CA GLN A 213 -19.06 13.44 15.87
C GLN A 213 -18.62 14.59 14.98
N LEU A 214 -17.31 14.74 14.86
CA LEU A 214 -16.69 15.77 14.04
C LEU A 214 -15.95 15.11 12.87
N TYR A 215 -16.18 15.60 11.67
CA TYR A 215 -15.39 15.20 10.51
C TYR A 215 -14.38 16.29 10.18
N GLN A 216 -13.10 15.95 10.26
CA GLN A 216 -12.01 16.89 10.00
C GLN A 216 -11.26 16.42 8.76
N ARG A 217 -11.38 17.19 7.68
CA ARG A 217 -10.77 16.80 6.42
C ARG A 217 -9.25 16.71 6.52
N SER A 218 -8.64 17.54 7.36
CA SER A 218 -7.19 17.64 7.43
C SER A 218 -6.79 17.91 8.88
N GLY A 219 -5.77 17.21 9.37
CA GLY A 219 -5.37 17.35 10.75
C GLY A 219 -3.88 17.27 11.01
N ASP A 220 -3.29 18.32 11.56
CA ASP A 220 -1.90 18.29 12.01
C ASP A 220 -1.90 17.75 13.43
N MET A 221 -1.54 16.48 13.57
CA MET A 221 -1.59 15.82 14.87
C MET A 221 -0.65 16.45 15.89
N GLY A 222 0.27 17.31 15.46
CA GLY A 222 1.22 17.91 16.37
C GLY A 222 0.74 19.20 16.99
N LEU A 223 -0.26 19.83 16.38
CA LEU A 223 -0.69 21.16 16.81
C LEU A 223 -2.20 21.35 16.69
N GLY A 224 -2.72 21.33 15.46
CA GLY A 224 -4.11 21.69 15.25
C GLY A 224 -5.08 20.68 15.83
N VAL A 225 -4.81 19.40 15.64
CA VAL A 225 -5.77 18.37 16.04
C VAL A 225 -6.11 18.42 17.52
N PRO A 226 -5.14 18.46 18.45
CA PRO A 226 -5.49 18.58 19.87
C PRO A 226 -6.36 19.80 20.16
N PHE A 227 -6.10 20.89 19.45
CA PHE A 227 -6.91 22.10 19.61
C PHE A 227 -8.34 21.86 19.17
N ASN A 228 -8.54 21.15 18.05
CA ASN A 228 -9.89 20.90 17.55
C ASN A 228 -10.67 19.99 18.50
N LEU A 229 -9.99 19.00 19.09
CA LEU A 229 -10.66 18.14 20.07
C LEU A 229 -11.22 18.96 21.22
N ALA A 230 -10.45 19.94 21.69
CA ALA A 230 -10.91 20.77 22.80
C ALA A 230 -12.07 21.66 22.38
N SER A 231 -11.99 22.27 21.20
CA SER A 231 -13.07 23.12 20.71
C SER A 231 -14.40 22.37 20.71
N TYR A 232 -14.46 21.25 19.99
CA TYR A 232 -15.72 20.54 19.86
C TYR A 232 -16.11 19.81 21.14
N GLY A 233 -15.13 19.41 21.94
CA GLY A 233 -15.45 18.92 23.27
C GLY A 233 -16.11 19.99 24.12
N LEU A 234 -15.56 21.20 24.11
CA LEU A 234 -16.16 22.31 24.83
C LEU A 234 -17.53 22.66 24.24
N LEU A 235 -17.63 22.71 22.91
CA LEU A 235 -18.92 23.00 22.28
C LEU A 235 -19.98 22.02 22.73
N THR A 236 -19.65 20.73 22.79
CA THR A 236 -20.60 19.73 23.23
C THR A 236 -21.03 19.98 24.68
N HIS A 237 -20.08 20.31 25.56
CA HIS A 237 -20.42 20.63 26.94
C HIS A 237 -21.38 21.81 27.02
N MET A 238 -21.17 22.83 26.17
CA MET A 238 -22.07 23.98 26.20
C MET A 238 -23.47 23.60 25.74
N ILE A 239 -23.56 22.94 24.58
CA ILE A 239 -24.87 22.55 24.05
C ILE A 239 -25.56 21.60 25.02
N ALA A 240 -24.80 20.73 25.68
CA ALA A 240 -25.39 19.84 26.67
C ALA A 240 -26.07 20.63 27.78
N LYS A 241 -25.42 21.70 28.26
CA LYS A 241 -26.00 22.50 29.34
C LYS A 241 -27.23 23.25 28.87
N VAL A 242 -27.21 23.79 27.65
CA VAL A 242 -28.35 24.54 27.13
C VAL A 242 -29.57 23.63 27.00
N CYS A 243 -29.37 22.40 26.53
CA CYS A 243 -30.46 21.45 26.32
C CYS A 243 -30.80 20.64 27.56
N GLY A 244 -30.19 20.93 28.70
CA GLY A 244 -30.48 20.18 29.91
C GLY A 244 -30.11 18.72 29.82
N LEU A 245 -28.99 18.42 29.17
CA LEU A 245 -28.52 17.05 28.97
C LEU A 245 -27.17 16.89 29.64
N LYS A 246 -26.72 15.67 29.67
CA LYS A 246 -25.39 15.40 30.20
C LYS A 246 -24.43 15.15 29.05
N PRO A 247 -23.13 15.43 29.22
CA PRO A 247 -22.20 15.21 28.12
C PRO A 247 -21.95 13.72 27.91
N GLY A 248 -21.81 13.34 26.63
CA GLY A 248 -21.63 11.96 26.27
C GLY A 248 -20.25 11.66 25.72
N THR A 249 -20.15 11.57 24.39
CA THR A 249 -18.92 11.16 23.74
C THR A 249 -18.61 12.07 22.56
N LEU A 250 -17.32 12.33 22.36
CA LEU A 250 -16.84 13.05 21.18
C LEU A 250 -16.19 12.05 20.22
N VAL A 251 -16.75 11.95 19.01
CA VAL A 251 -16.19 11.10 17.96
C VAL A 251 -15.42 12.01 17.00
N HIS A 252 -14.13 11.76 16.86
CA HIS A 252 -13.26 12.57 16.02
C HIS A 252 -12.84 11.75 14.81
N THR A 253 -13.42 12.09 13.66
CA THR A 253 -13.06 11.46 12.39
C THR A 253 -12.11 12.36 11.63
N LEU A 254 -11.07 11.77 11.06
CA LEU A 254 -10.07 12.50 10.30
C LEU A 254 -10.04 11.99 8.86
N GLY A 255 -9.88 12.93 7.93
CA GLY A 255 -9.55 12.58 6.56
C GLY A 255 -8.07 12.35 6.43
N ASP A 256 -7.33 13.42 6.14
CA ASP A 256 -5.87 13.37 6.06
C ASP A 256 -5.30 13.61 7.46
N ALA A 257 -5.06 12.51 8.17
CA ALA A 257 -4.37 12.58 9.46
C ALA A 257 -2.87 12.49 9.18
N HIS A 258 -2.13 13.54 9.55
CA HIS A 258 -0.75 13.64 9.13
C HIS A 258 0.12 14.28 10.21
N VAL A 259 1.41 13.96 10.12
CA VAL A 259 2.46 14.65 10.86
C VAL A 259 3.40 15.27 9.85
N TYR A 260 3.98 16.41 10.24
CA TYR A 260 4.97 17.08 9.39
C TYR A 260 6.34 16.49 9.66
N SER A 261 7.08 16.23 8.58
CA SER A 261 8.37 15.55 8.70
C SER A 261 9.30 16.31 9.64
N ASN A 262 9.44 17.61 9.45
CA ASN A 262 10.40 18.39 10.21
C ASN A 262 10.11 18.41 11.71
N HIS A 263 8.96 17.90 12.15
CA HIS A 263 8.56 17.97 13.55
C HIS A 263 8.42 16.58 14.19
N VAL A 264 9.01 15.55 13.58
CA VAL A 264 8.91 14.21 14.15
C VAL A 264 9.62 14.13 15.49
N ASP A 265 10.69 14.92 15.67
CA ASP A 265 11.43 14.90 16.94
C ASP A 265 10.51 15.23 18.10
N ALA A 266 9.67 16.26 17.96
CA ALA A 266 8.81 16.69 19.05
C ALA A 266 7.82 15.58 19.42
N LEU A 267 7.31 14.86 18.42
CA LEU A 267 6.34 13.81 18.69
C LEU A 267 7.01 12.60 19.34
N LYS A 268 8.23 12.28 18.92
CA LYS A 268 9.00 11.24 19.60
C LYS A 268 9.06 11.49 21.10
N ILE A 269 9.26 12.75 21.51
CA ILE A 269 9.25 13.11 22.92
C ILE A 269 7.84 12.92 23.50
N GLN A 270 6.84 13.50 22.83
CA GLN A 270 5.47 13.46 23.34
C GLN A 270 5.01 12.02 23.58
N LEU A 271 5.40 11.10 22.69
CA LEU A 271 4.92 9.73 22.78
C LEU A 271 5.46 9.00 24.01
N ASP A 272 6.68 9.35 24.45
CA ASP A 272 7.27 8.68 25.61
C ASP A 272 6.72 9.18 26.94
N ARG A 273 5.72 10.05 26.92
CA ARG A 273 5.14 10.61 28.12
C ARG A 273 3.84 9.89 28.49
N GLU A 274 3.68 9.60 29.77
CA GLU A 274 2.46 8.98 30.24
C GLU A 274 1.40 10.05 30.48
N PRO A 275 0.23 9.96 29.86
CA PRO A 275 -0.77 11.03 30.03
C PRO A 275 -1.29 11.12 31.46
N TYR A 276 -1.47 12.34 31.92
CA TYR A 276 -2.22 12.59 33.14
C TYR A 276 -3.72 12.56 32.84
N ALA A 277 -4.52 12.65 33.89
CA ALA A 277 -5.96 12.71 33.72
C ALA A 277 -6.37 13.99 33.01
N PHE A 278 -7.43 13.90 32.23
CA PHE A 278 -7.95 15.08 31.56
C PHE A 278 -8.50 16.07 32.58
N PRO A 279 -8.48 17.36 32.27
CA PRO A 279 -9.17 18.32 33.13
C PRO A 279 -10.68 18.23 32.95
N LYS A 280 -11.42 19.04 33.70
CA LYS A 280 -12.87 19.05 33.60
C LYS A 280 -13.37 20.48 33.46
N ILE A 281 -14.45 20.63 32.70
CA ILE A 281 -15.10 21.91 32.49
C ILE A 281 -16.14 22.12 33.56
N ARG A 282 -16.32 23.37 33.97
CA ARG A 282 -17.32 23.73 34.98
C ARG A 282 -17.90 25.09 34.62
N PHE A 283 -19.21 25.14 34.43
CA PHE A 283 -19.91 26.39 34.13
C PHE A 283 -20.46 26.95 35.43
N THR A 284 -20.02 28.16 35.79
CA THR A 284 -20.26 28.72 37.11
C THR A 284 -21.54 29.53 37.21
N ARG A 285 -22.29 29.66 36.12
CA ARG A 285 -23.61 30.28 36.18
C ARG A 285 -24.50 29.66 35.11
N ASP A 286 -25.79 29.98 35.19
CA ASP A 286 -26.77 29.50 34.22
C ASP A 286 -26.66 30.29 32.91
N VAL A 287 -27.31 29.77 31.87
CA VAL A 287 -27.29 30.40 30.55
C VAL A 287 -28.69 30.33 29.96
N ALA A 288 -29.12 31.44 29.35
CA ALA A 288 -30.42 31.49 28.69
C ALA A 288 -30.39 30.88 27.30
N SER A 289 -29.21 30.78 26.69
CA SER A 289 -29.09 30.24 25.34
C SER A 289 -27.62 29.98 25.07
N ILE A 290 -27.35 29.39 23.90
CA ILE A 290 -25.97 29.16 23.48
C ILE A 290 -25.22 30.47 23.29
N ASP A 291 -25.94 31.57 23.09
CA ASP A 291 -25.33 32.88 22.90
C ASP A 291 -25.07 33.61 24.21
N ASP A 292 -25.37 33.00 25.35
CA ASP A 292 -25.28 33.67 26.65
C ASP A 292 -24.05 33.23 27.45
N PHE A 293 -23.00 32.76 26.79
CA PHE A 293 -21.78 32.33 27.46
C PHE A 293 -20.76 33.47 27.48
N THR A 294 -19.87 33.44 28.46
CA THR A 294 -18.79 34.40 28.57
C THR A 294 -17.56 33.73 29.17
N SER A 295 -16.38 34.28 28.85
CA SER A 295 -15.14 33.64 29.26
C SER A 295 -15.02 33.55 30.77
N ASP A 296 -15.63 34.48 31.50
CA ASP A 296 -15.49 34.53 32.95
C ASP A 296 -16.21 33.40 33.67
N MET A 297 -17.10 32.67 32.99
CA MET A 297 -17.90 31.63 33.63
C MET A 297 -17.64 30.25 33.06
N ILE A 298 -16.62 30.09 32.22
CA ILE A 298 -16.19 28.79 31.72
C ILE A 298 -14.92 28.46 32.50
N ALA A 299 -15.02 27.55 33.47
CA ALA A 299 -13.91 27.20 34.33
C ALA A 299 -13.30 25.86 33.91
N LEU A 300 -11.98 25.79 33.93
CA LEU A 300 -11.23 24.58 33.62
C LEU A 300 -10.44 24.17 34.86
N ASP A 301 -10.74 23.00 35.40
CA ASP A 301 -10.18 22.55 36.66
C ASP A 301 -9.09 21.50 36.43
N ASP A 302 -7.97 21.66 37.14
CA ASP A 302 -6.96 20.61 37.26
C ASP A 302 -6.38 20.22 35.90
N TYR A 303 -6.00 21.22 35.12
CA TYR A 303 -5.33 20.97 33.84
C TYR A 303 -3.83 20.86 34.12
N LYS A 304 -3.33 19.64 34.26
CA LYS A 304 -1.93 19.37 34.51
C LYS A 304 -1.29 18.83 33.23
N CYS A 305 -0.17 19.43 32.82
CA CYS A 305 0.52 19.05 31.60
C CYS A 305 1.97 18.70 31.88
N HIS A 306 2.56 17.96 30.94
CA HIS A 306 3.99 17.77 30.91
C HIS A 306 4.68 19.04 30.42
N PRO A 307 5.96 19.23 30.74
CA PRO A 307 6.61 20.50 30.39
C PRO A 307 6.62 20.73 28.88
N LYS A 308 6.81 22.00 28.50
CA LYS A 308 6.80 22.37 27.09
C LYS A 308 7.83 21.58 26.31
N ILE A 309 7.63 21.50 25.00
CA ILE A 309 8.49 20.74 24.09
C ILE A 309 9.19 21.74 23.17
N PRO A 310 10.53 21.75 23.10
CA PRO A 310 11.19 22.64 22.14
C PRO A 310 10.78 22.34 20.69
N GLN B 24 -7.70 -17.96 11.61
CA GLN B 24 -8.84 -17.08 11.33
C GLN B 24 -8.47 -16.05 10.27
N VAL B 25 -8.04 -16.53 9.12
CA VAL B 25 -7.85 -15.70 7.95
C VAL B 25 -9.12 -15.78 7.11
N HIS B 26 -9.24 -14.89 6.12
CA HIS B 26 -10.42 -14.92 5.26
C HIS B 26 -10.06 -14.51 3.85
N LEU B 27 -10.69 -15.18 2.88
CA LEU B 27 -10.48 -14.83 1.47
C LEU B 27 -10.85 -13.38 1.21
N ASN B 28 -11.90 -12.89 1.87
CA ASN B 28 -12.37 -11.50 1.74
C ASN B 28 -12.40 -10.88 3.11
N GLN B 29 -11.25 -10.38 3.56
CA GLN B 29 -11.16 -9.79 4.90
C GLN B 29 -12.06 -8.57 5.03
N ASP B 30 -12.14 -7.74 3.98
CA ASP B 30 -12.90 -6.50 4.09
C ASP B 30 -14.37 -6.75 4.39
N GLU B 31 -14.98 -7.77 3.78
CA GLU B 31 -16.37 -8.05 4.09
C GLU B 31 -16.53 -8.70 5.46
N TYR B 32 -15.54 -9.49 5.88
CA TYR B 32 -15.58 -10.05 7.24
C TYR B 32 -15.64 -8.95 8.30
N LYS B 33 -14.83 -7.89 8.12
CA LYS B 33 -14.86 -6.79 9.07
C LYS B 33 -16.23 -6.14 9.12
N TYR B 34 -16.92 -6.08 7.96
CA TYR B 34 -18.28 -5.59 7.94
C TYR B 34 -19.20 -6.46 8.79
N LEU B 35 -19.07 -7.78 8.67
CA LEU B 35 -19.87 -8.68 9.50
C LEU B 35 -19.58 -8.44 10.98
N LYS B 36 -18.32 -8.18 11.32
CA LYS B 36 -18.00 -7.86 12.71
C LYS B 36 -18.53 -6.49 13.11
N GLN B 37 -18.63 -5.55 12.16
CA GLN B 37 -19.33 -4.30 12.45
C GLN B 37 -20.76 -4.56 12.90
N VAL B 38 -21.53 -5.28 12.08
CA VAL B 38 -22.90 -5.61 12.46
C VAL B 38 -22.90 -6.31 13.80
N GLU B 39 -21.95 -7.21 14.00
CA GLU B 39 -21.84 -7.95 15.25
C GLU B 39 -21.57 -7.00 16.41
N GLN B 40 -20.67 -6.03 16.22
CA GLN B 40 -20.38 -5.07 17.28
C GLN B 40 -21.60 -4.23 17.60
N ILE B 41 -22.38 -3.87 16.57
CA ILE B 41 -23.59 -3.12 16.79
C ILE B 41 -24.55 -3.91 17.67
N LEU B 42 -24.70 -5.20 17.39
CA LEU B 42 -25.62 -6.02 18.15
C LEU B 42 -25.16 -6.20 19.59
N ARG B 43 -23.85 -6.40 19.82
CA ARG B 43 -23.39 -6.66 21.17
C ARG B 43 -23.22 -5.39 21.98
N GLU B 44 -22.71 -4.32 21.37
CA GLU B 44 -22.40 -3.09 22.09
C GLU B 44 -23.38 -1.97 21.81
N GLY B 45 -24.18 -2.08 20.76
CA GLY B 45 -25.08 -1.00 20.40
C GLY B 45 -26.08 -0.71 21.49
N THR B 46 -26.66 0.49 21.40
CA THR B 46 -27.68 0.92 22.32
C THR B 46 -29.05 0.74 21.68
N ARG B 47 -29.98 0.24 22.45
CA ARG B 47 -31.32 -0.06 21.96
C ARG B 47 -32.18 1.20 22.11
N ARG B 48 -32.71 1.68 20.99
CA ARG B 48 -33.50 2.91 20.98
C ARG B 48 -34.69 2.78 20.05
N ASP B 49 -35.71 3.58 20.30
CA ASP B 49 -36.88 3.69 19.45
C ASP B 49 -36.82 5.03 18.72
N ASP B 50 -36.67 4.98 17.39
CA ASP B 50 -36.48 6.18 16.59
C ASP B 50 -37.83 6.81 16.25
N ARG B 51 -37.82 7.81 15.37
CA ARG B 51 -39.02 8.59 15.06
C ARG B 51 -40.01 7.85 14.18
N THR B 52 -39.65 6.68 13.66
CA THR B 52 -40.55 5.87 12.85
C THR B 52 -41.23 4.77 13.66
N GLY B 53 -41.08 4.77 14.98
CA GLY B 53 -41.44 3.62 15.76
C GLY B 53 -40.61 2.42 15.34
N THR B 54 -40.82 1.27 15.97
CA THR B 54 -40.00 0.09 15.66
C THR B 54 -38.55 0.37 16.04
N GLY B 55 -38.01 -0.43 16.95
CA GLY B 55 -36.74 -0.12 17.55
C GLY B 55 -35.55 -0.42 16.65
N THR B 56 -34.42 0.19 17.02
CA THR B 56 -33.16 -0.03 16.34
C THR B 56 -32.08 -0.23 17.38
N ILE B 57 -31.01 -0.91 16.97
CA ILE B 57 -29.81 -1.07 17.78
C ILE B 57 -28.71 -0.29 17.08
N SER B 58 -28.08 0.63 17.80
CA SER B 58 -27.28 1.68 17.16
C SER B 58 -26.01 1.94 17.93
N ILE B 59 -24.92 2.15 17.17
CA ILE B 59 -23.68 2.71 17.68
C ILE B 59 -23.47 4.04 16.96
N PHE B 60 -23.02 5.05 17.69
CA PHE B 60 -22.70 6.35 17.12
C PHE B 60 -21.19 6.44 16.92
N GLY B 61 -20.76 6.49 15.67
CA GLY B 61 -19.36 6.58 15.34
C GLY B 61 -18.74 5.24 14.99
N MET B 62 -18.56 4.98 13.70
CA MET B 62 -17.90 3.78 13.23
C MET B 62 -17.13 4.10 11.96
N GLN B 63 -16.15 3.25 11.66
CA GLN B 63 -15.33 3.44 10.47
C GLN B 63 -14.77 2.10 10.01
N SER B 64 -14.86 1.86 8.70
CA SER B 64 -14.29 0.67 8.07
C SER B 64 -13.62 1.10 6.78
N LYS B 65 -12.71 0.26 6.29
CA LYS B 65 -12.01 0.53 5.04
C LYS B 65 -12.13 -0.68 4.11
N TYR B 66 -12.31 -0.39 2.83
CA TYR B 66 -12.52 -1.42 1.81
C TYR B 66 -11.56 -1.17 0.66
N CYS B 67 -10.78 -2.18 0.31
CA CYS B 67 -9.78 -2.05 -0.74
C CYS B 67 -10.43 -2.06 -2.12
N LEU B 68 -10.12 -1.05 -2.92
CA LEU B 68 -10.58 -0.96 -4.30
C LEU B 68 -9.48 -1.29 -5.30
N ARG B 69 -8.29 -1.61 -4.83
CA ARG B 69 -7.14 -1.75 -5.72
C ARG B 69 -7.33 -2.94 -6.66
N ASN B 70 -6.81 -2.79 -7.87
CA ASN B 70 -6.92 -3.81 -8.91
C ASN B 70 -8.38 -4.04 -9.30
N GLY B 71 -9.18 -2.98 -9.26
CA GLY B 71 -10.54 -3.00 -9.76
C GLY B 71 -11.57 -3.63 -8.84
N THR B 72 -11.21 -3.95 -7.60
CA THR B 72 -12.16 -4.54 -6.68
C THR B 72 -13.23 -3.53 -6.25
N ILE B 73 -14.46 -4.00 -6.12
CA ILE B 73 -15.58 -3.16 -5.71
C ILE B 73 -16.32 -3.87 -4.58
N PRO B 74 -16.57 -3.23 -3.44
CA PRO B 74 -17.14 -3.93 -2.27
C PRO B 74 -18.65 -4.14 -2.36
N LEU B 75 -19.05 -5.08 -3.23
CA LEU B 75 -20.43 -5.53 -3.32
C LEU B 75 -20.59 -6.77 -2.44
N LEU B 76 -21.37 -6.65 -1.37
CA LEU B 76 -21.41 -7.72 -0.38
C LEU B 76 -21.88 -9.03 -1.00
N THR B 77 -21.23 -10.12 -0.62
CA THR B 77 -21.54 -11.45 -1.11
C THR B 77 -22.41 -12.25 -0.16
N THR B 78 -22.39 -11.95 1.14
CA THR B 78 -23.23 -12.65 2.08
C THR B 78 -24.69 -12.25 1.93
N LYS B 79 -24.95 -11.10 1.30
CA LYS B 79 -26.31 -10.66 1.00
C LYS B 79 -26.25 -9.84 -0.29
N ARG B 80 -26.93 -10.31 -1.33
CA ARG B 80 -26.82 -9.69 -2.64
C ARG B 80 -27.24 -8.22 -2.58
N VAL B 81 -26.60 -7.41 -3.40
CA VAL B 81 -26.88 -5.98 -3.50
C VAL B 81 -27.51 -5.67 -4.85
N TYR B 82 -28.39 -4.68 -4.86
CA TYR B 82 -29.11 -4.27 -6.07
C TYR B 82 -28.15 -3.51 -6.98
N TRP B 83 -27.29 -4.26 -7.66
CA TRP B 83 -26.25 -3.64 -8.47
C TRP B 83 -26.83 -2.70 -9.52
N LYS B 84 -27.92 -3.11 -10.19
CA LYS B 84 -28.52 -2.24 -11.19
C LYS B 84 -28.97 -0.92 -10.59
N GLY B 85 -29.50 -0.95 -9.37
CA GLY B 85 -29.86 0.29 -8.70
C GLY B 85 -28.64 1.16 -8.44
N VAL B 86 -27.58 0.56 -7.91
CA VAL B 86 -26.34 1.29 -7.66
C VAL B 86 -25.88 1.98 -8.94
N LEU B 87 -25.81 1.22 -10.03
CA LEU B 87 -25.25 1.75 -11.26
C LEU B 87 -26.11 2.85 -11.84
N GLU B 88 -27.41 2.58 -12.04
CA GLU B 88 -28.27 3.56 -12.70
C GLU B 88 -28.47 4.79 -11.83
N GLU B 89 -28.59 4.63 -10.51
CA GLU B 89 -28.77 5.79 -9.65
C GLU B 89 -27.55 6.69 -9.68
N LEU B 90 -26.35 6.10 -9.68
CA LEU B 90 -25.13 6.91 -9.65
C LEU B 90 -24.98 7.71 -10.94
N LEU B 91 -25.21 7.06 -12.10
CA LEU B 91 -25.23 7.81 -13.35
C LEU B 91 -26.30 8.89 -13.32
N TRP B 92 -27.45 8.58 -12.73
CA TRP B 92 -28.51 9.57 -12.57
C TRP B 92 -28.03 10.74 -11.72
N PHE B 93 -27.34 10.46 -10.61
CA PHE B 93 -26.75 11.54 -9.82
C PHE B 93 -25.81 12.38 -10.67
N ILE B 94 -24.87 11.72 -11.35
CA ILE B 94 -23.82 12.43 -12.07
C ILE B 94 -24.41 13.34 -13.14
N SER B 95 -25.45 12.87 -13.84
CA SER B 95 -26.09 13.69 -14.85
C SER B 95 -26.65 15.00 -14.28
N GLY B 96 -26.77 15.08 -12.95
CA GLY B 96 -27.34 16.25 -12.32
C GLY B 96 -28.85 16.21 -12.21
N SER B 97 -29.48 15.12 -12.62
CA SER B 97 -30.92 15.05 -12.70
C SER B 97 -31.54 14.99 -11.30
N THR B 98 -32.67 15.69 -11.14
CA THR B 98 -33.52 15.56 -9.96
C THR B 98 -34.89 15.03 -10.33
N ASP B 99 -35.05 14.51 -11.54
CA ASP B 99 -36.32 13.99 -12.04
C ASP B 99 -36.34 12.48 -11.81
N GLY B 100 -37.10 12.05 -10.80
CA GLY B 100 -37.22 10.64 -10.51
C GLY B 100 -37.75 9.81 -11.67
N LYS B 101 -38.46 10.44 -12.62
CA LYS B 101 -39.08 9.67 -13.69
C LYS B 101 -38.03 9.04 -14.61
N LEU B 102 -36.86 9.66 -14.75
CA LEU B 102 -35.81 9.06 -15.57
C LEU B 102 -35.33 7.74 -14.99
N LEU B 103 -35.31 7.61 -13.67
CA LEU B 103 -34.89 6.35 -13.06
C LEU B 103 -35.92 5.26 -13.31
N MET B 104 -37.21 5.62 -13.29
CA MET B 104 -38.24 4.62 -13.55
C MET B 104 -38.19 4.13 -15.00
N GLU B 105 -37.81 4.99 -15.94
CA GLU B 105 -37.61 4.55 -17.32
C GLU B 105 -36.47 3.55 -17.46
N LYS B 106 -35.61 3.41 -16.45
CA LYS B 106 -34.59 2.37 -16.45
C LYS B 106 -34.99 1.16 -15.62
N ASN B 107 -36.18 1.17 -15.03
CA ASN B 107 -36.66 0.07 -14.19
C ASN B 107 -35.92 0.03 -12.85
N VAL B 108 -35.81 1.20 -12.22
CA VAL B 108 -35.19 1.34 -10.91
C VAL B 108 -36.20 2.12 -10.07
N LYS B 109 -36.89 1.42 -9.17
CA LYS B 109 -38.07 1.98 -8.53
C LYS B 109 -37.79 2.55 -7.15
N ILE B 110 -36.53 2.76 -6.80
CA ILE B 110 -36.20 3.54 -5.62
C ILE B 110 -36.43 4.99 -5.98
N TRP B 111 -36.95 5.77 -5.03
CA TRP B 111 -37.31 7.18 -5.19
C TRP B 111 -38.70 7.30 -5.82
N GLU B 112 -39.39 6.19 -6.09
CA GLU B 112 -40.71 6.29 -6.72
C GLU B 112 -41.77 6.74 -5.71
N LYS B 113 -41.89 6.02 -4.60
CA LYS B 113 -42.84 6.43 -3.57
C LYS B 113 -42.48 7.78 -2.96
N ASN B 114 -41.21 8.18 -3.01
CA ASN B 114 -40.79 9.45 -2.45
C ASN B 114 -41.13 10.62 -3.36
N GLY B 115 -41.58 10.36 -4.59
CA GLY B 115 -41.82 11.43 -5.55
C GLY B 115 -43.21 11.42 -6.17
N ASP B 116 -44.13 10.61 -5.63
CA ASP B 116 -45.47 10.55 -6.18
C ASP B 116 -46.38 11.54 -5.45
N ARG B 117 -47.64 11.59 -5.87
CA ARG B 117 -48.55 12.65 -5.40
C ARG B 117 -48.72 12.60 -3.89
N ALA B 118 -49.02 11.42 -3.33
CA ALA B 118 -49.30 11.33 -1.91
C ALA B 118 -48.15 11.88 -1.07
N PHE B 119 -46.93 11.38 -1.32
CA PHE B 119 -45.80 11.79 -0.51
C PHE B 119 -45.49 13.28 -0.68
N LEU B 120 -45.60 13.80 -1.90
CA LEU B 120 -45.32 15.22 -2.14
C LEU B 120 -46.31 16.10 -1.40
N ASP B 121 -47.61 15.81 -1.51
CA ASP B 121 -48.61 16.61 -0.81
C ASP B 121 -48.42 16.56 0.69
N ASN B 122 -47.98 15.42 1.23
CA ASN B 122 -47.78 15.30 2.66
C ASN B 122 -46.72 16.26 3.16
N LEU B 123 -45.74 16.59 2.32
CA LEU B 123 -44.70 17.55 2.66
C LEU B 123 -45.06 18.98 2.28
N GLY B 124 -46.24 19.21 1.71
CA GLY B 124 -46.66 20.54 1.33
C GLY B 124 -46.24 20.98 -0.07
N PHE B 125 -45.67 20.08 -0.87
CA PHE B 125 -45.32 20.38 -2.25
C PHE B 125 -46.52 20.13 -3.18
N THR B 126 -47.66 20.74 -2.85
CA THR B 126 -48.90 20.46 -3.57
C THR B 126 -48.88 21.00 -4.99
N SER B 127 -47.97 21.90 -5.31
CA SER B 127 -47.86 22.47 -6.65
C SER B 127 -46.84 21.75 -7.52
N ARG B 128 -46.16 20.73 -6.99
CA ARG B 128 -45.03 20.12 -7.67
C ARG B 128 -45.44 18.95 -8.55
N GLU B 129 -44.86 18.90 -9.74
CA GLU B 129 -45.06 17.77 -10.65
C GLU B 129 -44.56 16.49 -10.00
N GLU B 130 -45.19 15.38 -10.36
CA GLU B 130 -44.79 14.07 -9.83
C GLU B 130 -43.38 13.75 -10.27
N GLY B 131 -42.56 13.27 -9.34
CA GLY B 131 -41.21 12.89 -9.65
C GLY B 131 -40.19 13.98 -9.46
N ASP B 132 -40.61 15.22 -9.26
CA ASP B 132 -39.68 16.32 -9.00
C ASP B 132 -39.26 16.20 -7.54
N LEU B 133 -38.12 15.54 -7.34
CA LEU B 133 -37.63 15.24 -6.00
C LEU B 133 -37.03 16.45 -5.31
N GLY B 134 -36.90 17.57 -6.00
CA GLY B 134 -36.33 18.77 -5.43
C GLY B 134 -34.82 18.81 -5.61
N PRO B 135 -34.18 19.75 -4.93
CA PRO B 135 -32.72 19.95 -5.06
C PRO B 135 -31.90 18.91 -4.30
N VAL B 136 -32.10 17.64 -4.63
CA VAL B 136 -31.38 16.54 -3.98
C VAL B 136 -30.01 16.34 -4.63
N TYR B 137 -29.36 15.23 -4.30
CA TYR B 137 -27.96 14.95 -4.67
C TYR B 137 -27.54 15.54 -6.00
N GLY B 138 -28.14 15.08 -7.10
CA GLY B 138 -27.70 15.52 -8.41
C GLY B 138 -27.60 17.03 -8.54
N PHE B 139 -28.60 17.75 -8.05
CA PHE B 139 -28.57 19.20 -8.11
C PHE B 139 -27.43 19.78 -7.26
N GLN B 140 -27.21 19.22 -6.07
CA GLN B 140 -26.17 19.74 -5.19
C GLN B 140 -24.79 19.43 -5.74
N TRP B 141 -24.59 18.24 -6.30
CA TRP B 141 -23.28 17.85 -6.81
C TRP B 141 -22.82 18.76 -7.93
N ARG B 142 -23.73 19.15 -8.82
CA ARG B 142 -23.37 19.88 -10.02
C ARG B 142 -23.78 21.35 -9.99
N HIS B 143 -24.64 21.75 -9.07
CA HIS B 143 -25.13 23.13 -9.03
C HIS B 143 -25.37 23.59 -7.59
N PHE B 144 -24.41 23.31 -6.70
CA PHE B 144 -24.57 23.72 -5.31
C PHE B 144 -24.79 25.22 -5.22
N GLY B 145 -25.79 25.63 -4.44
CA GLY B 145 -26.05 27.03 -4.20
C GLY B 145 -26.95 27.72 -5.20
N ALA B 146 -27.40 27.01 -6.23
CA ALA B 146 -28.26 27.61 -7.24
C ALA B 146 -29.71 27.62 -6.79
N LYS B 147 -30.49 28.54 -7.39
CA LYS B 147 -31.92 28.67 -7.09
C LYS B 147 -32.67 27.57 -7.83
N TYR B 148 -33.18 26.59 -7.09
CA TYR B 148 -33.96 25.53 -7.69
C TYR B 148 -35.38 26.03 -8.00
N VAL B 149 -35.97 25.48 -9.06
CA VAL B 149 -37.36 25.78 -9.39
C VAL B 149 -38.10 24.48 -9.71
N ASP B 150 -37.53 23.66 -10.58
CA ASP B 150 -38.12 22.36 -10.90
C ASP B 150 -37.05 21.51 -11.58
N CYS B 151 -37.39 20.25 -11.85
CA CYS B 151 -36.45 19.29 -12.39
C CYS B 151 -36.29 19.35 -13.90
N HIS B 152 -37.00 20.25 -14.59
CA HIS B 152 -36.87 20.42 -16.03
C HIS B 152 -36.24 21.75 -16.41
N THR B 153 -35.52 22.39 -15.48
CA THR B 153 -34.94 23.70 -15.71
C THR B 153 -33.45 23.58 -16.03
N ASP B 154 -33.00 24.36 -17.00
CA ASP B 154 -31.59 24.39 -17.39
C ASP B 154 -30.81 25.23 -16.38
N TYR B 155 -29.95 24.57 -15.61
CA TYR B 155 -29.15 25.23 -14.59
C TYR B 155 -27.71 25.46 -15.04
N SER B 156 -27.45 25.41 -16.35
CA SER B 156 -26.10 25.59 -16.85
C SER B 156 -25.51 26.91 -16.34
N GLY B 157 -24.31 26.82 -15.78
CA GLY B 157 -23.63 27.99 -15.27
C GLY B 157 -24.13 28.49 -13.94
N GLN B 158 -25.10 27.80 -13.33
CA GLN B 158 -25.63 28.17 -12.02
C GLN B 158 -25.01 27.28 -10.95
N GLY B 159 -24.62 27.88 -9.83
CA GLY B 159 -24.05 27.15 -8.72
C GLY B 159 -22.68 26.57 -9.01
N VAL B 160 -22.18 25.84 -8.02
CA VAL B 160 -20.85 25.22 -8.09
C VAL B 160 -20.97 23.81 -8.62
N ASP B 161 -20.13 23.48 -9.61
CA ASP B 161 -20.02 22.11 -10.11
C ASP B 161 -18.97 21.38 -9.28
N GLN B 162 -19.41 20.87 -8.13
CA GLN B 162 -18.48 20.21 -7.22
C GLN B 162 -17.80 19.01 -7.87
N LEU B 163 -18.54 18.24 -8.67
CA LEU B 163 -17.94 17.05 -9.26
C LEU B 163 -16.86 17.42 -10.27
N ALA B 164 -17.03 18.54 -10.98
CA ALA B 164 -15.99 19.01 -11.89
C ALA B 164 -14.83 19.62 -11.11
N GLU B 165 -15.14 20.30 -10.01
CA GLU B 165 -14.08 20.86 -9.16
CA GLU B 165 -14.08 20.86 -9.16
C GLU B 165 -13.21 19.75 -8.58
N VAL B 166 -13.83 18.66 -8.13
CA VAL B 166 -13.09 17.54 -7.56
C VAL B 166 -12.14 16.95 -8.59
N ILE B 167 -12.63 16.74 -9.81
CA ILE B 167 -11.82 16.13 -10.86
C ILE B 167 -10.64 17.03 -11.22
N ARG B 168 -10.86 18.34 -11.34
CA ARG B 168 -9.77 19.25 -11.65
CA ARG B 168 -9.75 19.23 -11.66
C ARG B 168 -8.73 19.25 -10.53
N GLN B 169 -9.20 19.19 -9.27
CA GLN B 169 -8.28 19.13 -8.14
C GLN B 169 -7.43 17.87 -8.19
N ILE B 170 -8.05 16.72 -8.45
CA ILE B 170 -7.31 15.46 -8.50
C ILE B 170 -6.24 15.52 -9.58
N LYS B 171 -6.56 16.12 -10.74
CA LYS B 171 -5.61 16.14 -11.85
C LYS B 171 -4.47 17.11 -11.60
N GLU B 172 -4.80 18.33 -11.18
CA GLU B 172 -3.79 19.39 -11.08
CA GLU B 172 -3.82 19.42 -11.08
C GLU B 172 -3.26 19.61 -9.67
N GLN B 173 -3.94 19.12 -8.64
CA GLN B 173 -3.51 19.31 -7.25
C GLN B 173 -3.73 18.01 -6.47
N PRO B 174 -3.08 16.93 -6.88
CA PRO B 174 -3.37 15.63 -6.24
C PRO B 174 -3.08 15.61 -4.75
N ASP B 175 -2.16 16.44 -4.28
CA ASP B 175 -1.77 16.47 -2.88
C ASP B 175 -2.75 17.25 -2.01
N SER B 176 -3.79 17.83 -2.60
CA SER B 176 -4.69 18.71 -1.85
C SER B 176 -5.43 17.92 -0.78
N ARG B 177 -5.67 18.59 0.35
CA ARG B 177 -6.43 18.07 1.46
C ARG B 177 -7.83 18.69 1.51
N ARG B 178 -8.27 19.27 0.39
CA ARG B 178 -9.54 19.97 0.30
C ARG B 178 -10.38 19.45 -0.87
N ILE B 179 -10.15 18.22 -1.30
CA ILE B 179 -10.90 17.63 -2.39
C ILE B 179 -12.20 17.06 -1.82
N ILE B 180 -13.25 17.88 -1.80
CA ILE B 180 -14.46 17.56 -1.04
C ILE B 180 -15.68 17.86 -1.90
N MET B 181 -16.71 17.03 -1.74
CA MET B 181 -17.99 17.21 -2.40
C MET B 181 -19.08 16.91 -1.39
N SER B 182 -19.91 17.90 -1.10
CA SER B 182 -20.95 17.77 -0.09
C SER B 182 -22.32 17.87 -0.72
N ALA B 183 -23.25 17.06 -0.24
CA ALA B 183 -24.65 17.12 -0.61
C ALA B 183 -25.50 17.82 0.43
N TRP B 184 -24.90 18.29 1.52
CA TRP B 184 -25.62 18.89 2.64
C TRP B 184 -25.71 20.40 2.41
N ASN B 185 -26.88 20.86 1.98
CA ASN B 185 -27.13 22.29 1.75
C ASN B 185 -28.28 22.72 2.67
N PRO B 186 -27.99 23.29 3.83
CA PRO B 186 -29.08 23.71 4.74
C PRO B 186 -30.15 24.56 4.07
N SER B 187 -29.78 25.37 3.08
CA SER B 187 -30.76 26.23 2.44
C SER B 187 -31.82 25.44 1.68
N ASP B 188 -31.46 24.29 1.13
CA ASP B 188 -32.34 23.52 0.27
C ASP B 188 -33.02 22.34 0.96
N LEU B 189 -32.65 22.03 2.21
CA LEU B 189 -33.23 20.87 2.88
C LEU B 189 -34.76 20.92 2.86
N GLY B 190 -35.34 22.11 3.05
CA GLY B 190 -36.79 22.20 3.14
C GLY B 190 -37.49 21.66 1.91
N GLN B 191 -36.92 21.89 0.73
CA GLN B 191 -37.51 21.48 -0.53
C GLN B 191 -37.09 20.08 -0.98
N MET B 192 -36.30 19.37 -0.19
CA MET B 192 -35.91 18.01 -0.52
C MET B 192 -36.97 17.03 -0.04
N VAL B 193 -37.32 16.07 -0.90
CA VAL B 193 -38.23 15.00 -0.47
C VAL B 193 -37.60 14.19 0.63
N LEU B 194 -36.27 14.03 0.61
CA LEU B 194 -35.55 13.29 1.63
C LEU B 194 -34.24 14.02 1.90
N PRO B 195 -33.88 14.26 3.15
CA PRO B 195 -32.59 14.90 3.42
C PRO B 195 -31.44 13.95 3.07
N PRO B 196 -30.31 14.49 2.65
CA PRO B 196 -29.20 13.60 2.23
C PRO B 196 -28.80 12.66 3.34
N CYS B 197 -28.46 11.42 2.96
CA CYS B 197 -27.98 10.41 3.91
C CYS B 197 -26.48 10.27 3.84
N HIS B 198 -25.91 10.10 2.64
CA HIS B 198 -24.46 10.21 2.44
C HIS B 198 -24.17 11.68 2.19
N THR B 199 -23.68 12.37 3.22
CA THR B 199 -23.70 13.83 3.26
C THR B 199 -22.50 14.49 2.59
N MET B 200 -21.34 13.84 2.57
CA MET B 200 -20.18 14.39 1.90
C MET B 200 -19.15 13.30 1.72
N CYS B 201 -18.17 13.57 0.86
CA CYS B 201 -17.07 12.66 0.66
C CYS B 201 -15.81 13.48 0.38
N GLN B 202 -14.67 12.87 0.69
CA GLN B 202 -13.37 13.49 0.47
C GLN B 202 -12.49 12.52 -0.29
N PHE B 203 -11.74 13.05 -1.24
CA PHE B 203 -10.84 12.26 -2.06
C PHE B 203 -9.39 12.56 -1.70
N TYR B 204 -8.51 11.67 -2.15
CA TYR B 204 -7.15 11.62 -1.62
C TYR B 204 -6.29 10.83 -2.59
N VAL B 205 -5.18 11.42 -3.01
CA VAL B 205 -4.28 10.82 -4.00
C VAL B 205 -2.96 10.51 -3.33
N ASP B 206 -2.44 9.32 -3.60
CA ASP B 206 -1.17 8.89 -3.02
C ASP B 206 -0.51 7.93 -4.01
N ASN B 207 0.64 8.35 -4.54
CA ASN B 207 1.40 7.57 -5.50
C ASN B 207 0.51 7.07 -6.63
N GLY B 208 -0.30 7.97 -7.17
CA GLY B 208 -1.18 7.64 -8.27
C GLY B 208 -2.37 6.77 -7.93
N GLU B 209 -2.70 6.62 -6.64
CA GLU B 209 -3.85 5.84 -6.20
C GLU B 209 -4.89 6.79 -5.62
N LEU B 210 -6.14 6.66 -6.09
CA LEU B 210 -7.22 7.55 -5.66
C LEU B 210 -8.04 6.87 -4.57
N SER B 211 -8.16 7.55 -3.44
CA SER B 211 -8.99 7.09 -2.33
C SER B 211 -10.17 8.03 -2.12
N CYS B 212 -11.15 7.56 -1.36
CA CYS B 212 -12.38 8.31 -1.13
C CYS B 212 -12.91 7.96 0.25
N GLN B 213 -13.12 8.96 1.09
CA GLN B 213 -13.81 8.78 2.37
C GLN B 213 -15.22 9.32 2.28
N LEU B 214 -16.18 8.54 2.76
CA LEU B 214 -17.58 8.91 2.77
C LEU B 214 -18.04 9.06 4.22
N TYR B 215 -18.68 10.19 4.53
CA TYR B 215 -19.32 10.38 5.82
C TYR B 215 -20.82 10.18 5.64
N GLN B 216 -21.36 9.16 6.31
CA GLN B 216 -22.76 8.80 6.20
C GLN B 216 -23.40 9.05 7.56
N ARG B 217 -24.29 10.05 7.63
CA ARG B 217 -24.89 10.41 8.90
C ARG B 217 -25.68 9.27 9.51
N SER B 218 -26.31 8.45 8.67
CA SER B 218 -27.20 7.40 9.15
C SER B 218 -27.07 6.20 8.23
N GLY B 219 -26.97 5.01 8.83
CA GLY B 219 -26.73 3.82 8.03
C GLY B 219 -27.45 2.58 8.50
N ASP B 220 -28.33 2.06 7.64
CA ASP B 220 -28.99 0.78 7.87
C ASP B 220 -28.07 -0.30 7.35
N MET B 221 -27.38 -0.98 8.27
CA MET B 221 -26.40 -1.99 7.89
C MET B 221 -27.00 -3.16 7.14
N GLY B 222 -28.32 -3.30 7.14
CA GLY B 222 -28.98 -4.42 6.51
C GLY B 222 -29.33 -4.22 5.06
N LEU B 223 -29.38 -2.97 4.61
CA LEU B 223 -29.87 -2.66 3.27
C LEU B 223 -29.13 -1.49 2.64
N GLY B 224 -29.27 -0.30 3.23
CA GLY B 224 -28.74 0.89 2.61
C GLY B 224 -27.23 0.93 2.57
N VAL B 225 -26.59 0.57 3.69
CA VAL B 225 -25.13 0.68 3.79
C VAL B 225 -24.43 -0.16 2.72
N PRO B 226 -24.76 -1.45 2.54
CA PRO B 226 -24.13 -2.21 1.45
C PRO B 226 -24.30 -1.56 0.09
N PHE B 227 -25.46 -0.92 -0.14
CA PHE B 227 -25.71 -0.21 -1.39
C PHE B 227 -24.79 1.01 -1.53
N ASN B 228 -24.64 1.78 -0.46
CA ASN B 228 -23.81 2.99 -0.52
C ASN B 228 -22.34 2.65 -0.71
N LEU B 229 -21.87 1.59 -0.08
CA LEU B 229 -20.48 1.18 -0.29
C LEU B 229 -20.19 0.92 -1.76
N ALA B 230 -21.14 0.28 -2.46
CA ALA B 230 -20.96 0.03 -3.89
C ALA B 230 -21.04 1.32 -4.69
N SER B 231 -22.01 2.17 -4.36
CA SER B 231 -22.16 3.45 -5.06
C SER B 231 -20.85 4.22 -5.07
N TYR B 232 -20.32 4.50 -3.87
CA TYR B 232 -19.09 5.28 -3.76
C TYR B 232 -17.88 4.48 -4.22
N GLY B 233 -17.94 3.15 -4.11
CA GLY B 233 -16.89 2.33 -4.71
C GLY B 233 -16.84 2.51 -6.22
N LEU B 234 -18.01 2.44 -6.87
CA LEU B 234 -18.07 2.66 -8.30
C LEU B 234 -17.68 4.08 -8.66
N LEU B 235 -18.16 5.06 -7.89
CA LEU B 235 -17.81 6.45 -8.15
C LEU B 235 -16.29 6.64 -8.11
N THR B 236 -15.62 6.05 -7.13
CA THR B 236 -14.17 6.17 -7.07
C THR B 236 -13.51 5.54 -8.29
N HIS B 237 -13.97 4.35 -8.69
CA HIS B 237 -13.44 3.71 -9.89
C HIS B 237 -13.63 4.59 -11.11
N MET B 238 -14.78 5.26 -11.21
CA MET B 238 -15.07 6.12 -12.35
C MET B 238 -14.15 7.34 -12.37
N ILE B 239 -14.07 8.06 -11.25
CA ILE B 239 -13.23 9.25 -11.19
C ILE B 239 -11.77 8.89 -11.39
N ALA B 240 -11.33 7.74 -10.87
CA ALA B 240 -9.95 7.32 -11.08
C ALA B 240 -9.64 7.18 -12.56
N LYS B 241 -10.55 6.61 -13.34
CA LYS B 241 -10.30 6.42 -14.77
C LYS B 241 -10.26 7.74 -15.50
N VAL B 242 -11.13 8.68 -15.14
CA VAL B 242 -11.15 9.98 -15.81
C VAL B 242 -9.84 10.71 -15.57
N CYS B 243 -9.31 10.64 -14.36
CA CYS B 243 -8.08 11.33 -14.00
C CYS B 243 -6.83 10.52 -14.34
N GLY B 244 -6.98 9.31 -14.86
CA GLY B 244 -5.82 8.50 -15.20
C GLY B 244 -5.10 7.95 -13.99
N LEU B 245 -5.85 7.55 -12.97
CA LEU B 245 -5.28 7.03 -11.73
C LEU B 245 -5.76 5.60 -11.53
N LYS B 246 -5.23 4.96 -10.50
CA LYS B 246 -5.67 3.65 -10.11
C LYS B 246 -6.53 3.74 -8.85
N PRO B 247 -7.46 2.80 -8.66
CA PRO B 247 -8.32 2.87 -7.48
C PRO B 247 -7.56 2.54 -6.20
N GLY B 248 -7.92 3.23 -5.13
CA GLY B 248 -7.22 3.07 -3.86
C GLY B 248 -8.05 2.43 -2.77
N THR B 249 -8.59 3.25 -1.87
CA THR B 249 -9.29 2.77 -0.69
C THR B 249 -10.58 3.55 -0.49
N LEU B 250 -11.63 2.86 -0.06
CA LEU B 250 -12.90 3.48 0.34
C LEU B 250 -12.99 3.46 1.86
N VAL B 251 -13.02 4.64 2.47
CA VAL B 251 -13.17 4.79 3.91
C VAL B 251 -14.62 5.15 4.19
N HIS B 252 -15.33 4.29 4.92
CA HIS B 252 -16.75 4.48 5.19
C HIS B 252 -16.92 4.82 6.66
N THR B 253 -17.20 6.09 6.94
CA THR B 253 -17.46 6.58 8.28
C THR B 253 -18.97 6.70 8.48
N LEU B 254 -19.45 6.24 9.64
CA LEU B 254 -20.87 6.26 9.95
C LEU B 254 -21.14 7.09 11.20
N GLY B 255 -22.22 7.87 11.16
CA GLY B 255 -22.75 8.50 12.34
C GLY B 255 -23.58 7.51 13.13
N ASP B 256 -24.87 7.44 12.84
CA ASP B 256 -25.76 6.45 13.44
C ASP B 256 -25.70 5.18 12.61
N ALA B 257 -24.80 4.27 12.99
CA ALA B 257 -24.75 2.94 12.40
C ALA B 257 -25.68 2.04 13.21
N HIS B 258 -26.69 1.48 12.55
CA HIS B 258 -27.75 0.80 13.28
C HIS B 258 -28.28 -0.40 12.50
N VAL B 259 -28.84 -1.33 13.26
CA VAL B 259 -29.66 -2.42 12.75
C VAL B 259 -31.06 -2.22 13.31
N TYR B 260 -32.07 -2.64 12.55
CA TYR B 260 -33.44 -2.58 13.02
C TYR B 260 -33.77 -3.85 13.78
N SER B 261 -34.39 -3.70 14.96
CA SER B 261 -34.69 -4.86 15.80
C SER B 261 -35.52 -5.89 15.05
N ASN B 262 -36.22 -5.47 14.00
CA ASN B 262 -37.08 -6.37 13.23
C ASN B 262 -36.28 -7.40 12.45
N HIS B 263 -35.03 -7.10 12.11
CA HIS B 263 -34.24 -7.94 11.21
C HIS B 263 -33.04 -8.60 11.89
N VAL B 264 -33.07 -8.71 13.22
CA VAL B 264 -31.93 -9.32 13.91
C VAL B 264 -31.79 -10.80 13.56
N ASP B 265 -32.91 -11.49 13.34
CA ASP B 265 -32.85 -12.90 12.97
C ASP B 265 -32.05 -13.09 11.67
N ALA B 266 -32.35 -12.27 10.67
CA ALA B 266 -31.72 -12.44 9.36
C ALA B 266 -30.22 -12.20 9.44
N LEU B 267 -29.78 -11.21 10.24
CA LEU B 267 -28.37 -10.88 10.29
C LEU B 267 -27.57 -11.96 11.02
N LYS B 268 -28.17 -12.57 12.05
CA LYS B 268 -27.54 -13.71 12.72
C LYS B 268 -27.12 -14.78 11.71
N ILE B 269 -27.99 -15.05 10.73
CA ILE B 269 -27.62 -15.99 9.67
C ILE B 269 -26.50 -15.41 8.81
N GLN B 270 -26.69 -14.17 8.33
CA GLN B 270 -25.71 -13.55 7.45
C GLN B 270 -24.32 -13.54 8.07
N LEU B 271 -24.25 -13.34 9.39
CA LEU B 271 -22.96 -13.25 10.05
C LEU B 271 -22.21 -14.58 10.03
N ASP B 272 -22.94 -15.69 10.02
CA ASP B 272 -22.33 -17.02 10.00
C ASP B 272 -21.87 -17.43 8.60
N ARG B 273 -21.97 -16.56 7.60
CA ARG B 273 -21.60 -16.88 6.24
C ARG B 273 -20.18 -16.41 5.95
N GLU B 274 -19.41 -17.27 5.28
CA GLU B 274 -18.06 -16.91 4.86
C GLU B 274 -18.13 -16.13 3.56
N PRO B 275 -17.61 -14.90 3.50
CA PRO B 275 -17.72 -14.13 2.27
C PRO B 275 -16.92 -14.74 1.12
N TYR B 276 -17.51 -14.69 -0.08
CA TYR B 276 -16.78 -14.95 -1.30
C TYR B 276 -15.93 -13.74 -1.66
N ALA B 277 -15.14 -13.87 -2.72
CA ALA B 277 -14.35 -12.75 -3.20
C ALA B 277 -15.27 -11.66 -3.77
N PHE B 278 -14.86 -10.41 -3.60
CA PHE B 278 -15.61 -9.32 -4.18
C PHE B 278 -15.54 -9.40 -5.70
N PRO B 279 -16.55 -8.89 -6.40
CA PRO B 279 -16.44 -8.76 -7.86
C PRO B 279 -15.51 -7.62 -8.24
N LYS B 280 -15.27 -7.43 -9.53
CA LYS B 280 -14.41 -6.35 -10.00
C LYS B 280 -15.11 -5.57 -11.11
N ILE B 281 -14.84 -4.27 -11.13
CA ILE B 281 -15.37 -3.37 -12.14
C ILE B 281 -14.39 -3.36 -13.31
N ARG B 282 -14.93 -3.26 -14.52
CA ARG B 282 -14.11 -3.21 -15.72
C ARG B 282 -14.80 -2.28 -16.71
N PHE B 283 -14.09 -1.23 -17.12
CA PHE B 283 -14.63 -0.27 -18.08
C PHE B 283 -14.17 -0.67 -19.48
N THR B 284 -15.12 -0.94 -20.36
CA THR B 284 -14.86 -1.56 -21.65
C THR B 284 -14.63 -0.55 -22.77
N ARG B 285 -14.70 0.75 -22.50
CA ARG B 285 -14.33 1.74 -23.48
C ARG B 285 -13.75 2.96 -22.77
N ASP B 286 -13.17 3.86 -23.54
CA ASP B 286 -12.63 5.09 -22.99
C ASP B 286 -13.77 6.07 -22.70
N VAL B 287 -13.45 7.12 -21.95
CA VAL B 287 -14.42 8.14 -21.58
C VAL B 287 -13.76 9.50 -21.71
N ALA B 288 -14.51 10.46 -22.26
CA ALA B 288 -14.01 11.82 -22.41
C ALA B 288 -14.13 12.64 -21.13
N SER B 289 -14.99 12.23 -20.22
CA SER B 289 -15.22 12.96 -18.97
C SER B 289 -16.04 12.07 -18.06
N ILE B 290 -16.27 12.55 -16.83
CA ILE B 290 -17.13 11.85 -15.90
C ILE B 290 -18.56 11.77 -16.42
N ASP B 291 -18.94 12.64 -17.34
CA ASP B 291 -20.28 12.67 -17.90
C ASP B 291 -20.44 11.74 -19.10
N ASP B 292 -19.40 11.02 -19.49
CA ASP B 292 -19.40 10.21 -20.69
C ASP B 292 -19.57 8.72 -20.41
N PHE B 293 -20.14 8.37 -19.26
CA PHE B 293 -20.33 6.98 -18.89
C PHE B 293 -21.73 6.49 -19.26
N THR B 294 -21.84 5.19 -19.49
CA THR B 294 -23.12 4.57 -19.81
C THR B 294 -23.15 3.16 -19.24
N SER B 295 -24.36 2.65 -19.02
CA SER B 295 -24.50 1.33 -18.39
C SER B 295 -23.89 0.22 -19.23
N ASP B 296 -23.87 0.39 -20.56
CA ASP B 296 -23.38 -0.68 -21.43
C ASP B 296 -21.88 -0.89 -21.33
N MET B 297 -21.15 0.05 -20.72
CA MET B 297 -19.70 -0.02 -20.66
C MET B 297 -19.15 -0.10 -19.24
N ILE B 298 -20.02 -0.28 -18.24
CA ILE B 298 -19.61 -0.57 -16.87
C ILE B 298 -19.92 -2.04 -16.62
N ALA B 299 -18.88 -2.88 -16.59
CA ALA B 299 -19.03 -4.31 -16.43
C ALA B 299 -18.68 -4.74 -15.01
N LEU B 300 -19.45 -5.70 -14.48
CA LEU B 300 -19.22 -6.26 -13.15
C LEU B 300 -18.90 -7.74 -13.31
N ASP B 301 -17.69 -8.13 -12.94
CA ASP B 301 -17.19 -9.47 -13.18
C ASP B 301 -17.21 -10.31 -11.91
N ASP B 302 -17.76 -11.52 -12.02
CA ASP B 302 -17.62 -12.56 -10.99
C ASP B 302 -18.25 -12.13 -9.67
N TYR B 303 -19.47 -11.62 -9.74
CA TYR B 303 -20.23 -11.30 -8.54
C TYR B 303 -21.00 -12.55 -8.12
N LYS B 304 -20.43 -13.30 -7.17
CA LYS B 304 -21.04 -14.50 -6.63
C LYS B 304 -21.57 -14.21 -5.24
N CYS B 305 -22.84 -14.56 -5.00
CA CYS B 305 -23.51 -14.27 -3.74
C CYS B 305 -24.02 -15.55 -3.09
N HIS B 306 -24.24 -15.47 -1.78
CA HIS B 306 -24.97 -16.51 -1.08
C HIS B 306 -26.46 -16.40 -1.35
N PRO B 307 -27.20 -17.51 -1.22
CA PRO B 307 -28.61 -17.49 -1.58
C PRO B 307 -29.42 -16.52 -0.73
N LYS B 308 -30.58 -16.14 -1.27
CA LYS B 308 -31.45 -15.17 -0.63
C LYS B 308 -31.89 -15.69 0.74
N ILE B 309 -32.25 -14.76 1.62
CA ILE B 309 -32.60 -15.06 3.00
C ILE B 309 -34.05 -14.70 3.25
N PRO B 310 -34.89 -15.59 3.81
CA PRO B 310 -36.26 -15.17 4.14
C PRO B 310 -36.29 -13.98 5.08
N GLN C 24 11.07 4.55 19.16
CA GLN C 24 10.92 3.35 18.36
C GLN C 24 10.33 3.69 16.98
N VAL C 25 9.84 4.93 16.84
CA VAL C 25 9.44 5.47 15.55
C VAL C 25 10.64 6.20 14.96
N HIS C 26 10.63 6.37 13.63
CA HIS C 26 11.70 7.12 12.98
C HIS C 26 11.18 7.83 11.75
N LEU C 27 11.70 9.04 11.53
CA LEU C 27 11.35 9.80 10.33
C LEU C 27 11.64 9.01 9.06
N ASN C 28 12.71 8.21 9.07
CA ASN C 28 13.06 7.37 7.94
C ASN C 28 13.17 5.93 8.44
N GLN C 29 12.03 5.24 8.50
CA GLN C 29 12.05 3.87 8.97
CA GLN C 29 11.99 3.85 8.93
C GLN C 29 12.95 3.00 8.10
N ASP C 30 12.91 3.18 6.78
CA ASP C 30 13.63 2.28 5.88
C ASP C 30 15.14 2.33 6.11
N GLU C 31 15.70 3.52 6.33
CA GLU C 31 17.13 3.60 6.59
C GLU C 31 17.47 3.14 7.99
N TYR C 32 16.58 3.36 8.95
CA TYR C 32 16.79 2.78 10.28
C TYR C 32 16.86 1.26 10.19
N LYS C 33 15.99 0.66 9.40
CA LYS C 33 16.01 -0.78 9.20
C LYS C 33 17.35 -1.22 8.64
N TYR C 34 17.92 -0.41 7.75
CA TYR C 34 19.24 -0.71 7.22
C TYR C 34 20.29 -0.69 8.33
N LEU C 35 20.23 0.32 9.19
CA LEU C 35 21.16 0.37 10.32
C LEU C 35 21.00 -0.86 11.21
N LYS C 36 19.77 -1.34 11.37
CA LYS C 36 19.55 -2.57 12.13
C LYS C 36 20.10 -3.78 11.40
N GLN C 37 20.09 -3.78 10.07
CA GLN C 37 20.79 -4.82 9.32
C GLN C 37 22.26 -4.84 9.69
N VAL C 38 22.94 -3.70 9.54
CA VAL C 38 24.35 -3.61 9.91
C VAL C 38 24.55 -4.02 11.37
N GLU C 39 23.66 -3.55 12.25
CA GLU C 39 23.77 -3.88 13.66
C GLU C 39 23.64 -5.38 13.90
N GLN C 40 22.72 -6.04 13.19
CA GLN C 40 22.57 -7.48 13.35
C GLN C 40 23.82 -8.22 12.89
N ILE C 41 24.45 -7.75 11.81
CA ILE C 41 25.67 -8.39 11.32
C ILE C 41 26.75 -8.34 12.39
N LEU C 42 26.91 -7.20 13.06
CA LEU C 42 27.94 -7.06 14.07
C LEU C 42 27.65 -7.97 15.28
N ARG C 43 26.37 -8.12 15.62
CA ARG C 43 25.99 -8.89 16.80
C ARG C 43 26.03 -10.39 16.54
N GLU C 44 25.51 -10.82 15.39
CA GLU C 44 25.33 -12.24 15.10
C GLU C 44 26.23 -12.79 14.02
N GLY C 45 26.85 -11.94 13.21
CA GLY C 45 27.63 -12.43 12.09
C GLY C 45 28.81 -13.27 12.54
N THR C 46 29.31 -14.07 11.60
CA THR C 46 30.48 -14.92 11.82
C THR C 46 31.71 -14.31 11.18
N ARG C 47 32.81 -14.33 11.93
CA ARG C 47 34.07 -13.75 11.51
C ARG C 47 34.95 -14.78 10.78
N ARG C 48 35.36 -14.43 9.57
CA ARG C 48 36.22 -15.27 8.75
C ARG C 48 37.27 -14.39 8.09
N ASP C 49 38.41 -14.98 7.77
CA ASP C 49 39.45 -14.29 7.01
C ASP C 49 39.55 -14.89 5.61
N GLY C 53 43.74 -12.57 2.97
CA GLY C 53 43.01 -12.83 4.20
C GLY C 53 42.62 -11.56 4.93
N THR C 54 41.54 -10.92 4.47
CA THR C 54 41.05 -9.66 5.03
C THR C 54 39.70 -9.97 5.65
N GLY C 55 39.58 -9.73 6.96
CA GLY C 55 38.45 -10.27 7.69
C GLY C 55 37.15 -9.53 7.45
N THR C 56 36.08 -10.27 7.68
CA THR C 56 34.72 -9.76 7.56
C THR C 56 33.86 -10.34 8.67
N ILE C 57 32.76 -9.65 8.95
CA ILE C 57 31.69 -10.14 9.81
C ILE C 57 30.51 -10.36 8.89
N SER C 58 29.96 -11.57 8.87
CA SER C 58 29.11 -11.97 7.76
C SER C 58 27.87 -12.70 8.24
N ILE C 59 26.74 -12.37 7.62
CA ILE C 59 25.51 -13.15 7.67
C ILE C 59 25.19 -13.59 6.25
N PHE C 60 24.76 -14.84 6.11
CA PHE C 60 24.31 -15.37 4.82
C PHE C 60 22.79 -15.38 4.81
N GLY C 61 22.20 -14.58 3.93
CA GLY C 61 20.75 -14.53 3.80
C GLY C 61 20.13 -13.38 4.57
N MET C 62 19.81 -12.30 3.85
CA MET C 62 19.15 -11.16 4.45
C MET C 62 18.23 -10.54 3.42
N GLN C 63 17.26 -9.75 3.89
CA GLN C 63 16.31 -9.12 2.98
C GLN C 63 15.75 -7.87 3.61
N SER C 64 15.70 -6.78 2.83
CA SER C 64 15.12 -5.52 3.27
C SER C 64 14.28 -4.96 2.14
N LYS C 65 13.32 -4.10 2.51
CA LYS C 65 12.45 -3.45 1.55
C LYS C 65 12.51 -1.94 1.76
N TYR C 66 12.53 -1.20 0.66
CA TYR C 66 12.64 0.25 0.70
C TYR C 66 11.53 0.84 -0.15
N CYS C 67 10.75 1.74 0.44
CA CYS C 67 9.63 2.33 -0.27
C CYS C 67 10.12 3.35 -1.29
N LEU C 68 9.68 3.19 -2.54
CA LEU C 68 9.98 4.13 -3.61
C LEU C 68 8.79 5.01 -3.96
N ARG C 69 7.66 4.83 -3.29
CA ARG C 69 6.43 5.48 -3.72
C ARG C 69 6.57 6.99 -3.55
N ASN C 70 5.91 7.72 -4.46
CA ASN C 70 5.97 9.18 -4.47
C ASN C 70 7.37 9.69 -4.75
N GLY C 71 8.14 8.95 -5.54
CA GLY C 71 9.44 9.40 -6.00
C GLY C 71 10.56 9.29 -5.00
N THR C 72 10.36 8.63 -3.87
CA THR C 72 11.44 8.46 -2.91
C THR C 72 12.49 7.51 -3.48
N ILE C 73 13.76 7.82 -3.22
CA ILE C 73 14.87 6.99 -3.68
C ILE C 73 15.81 6.73 -2.52
N PRO C 74 16.16 5.47 -2.21
CA PRO C 74 16.90 5.19 -0.97
C PRO C 74 18.40 5.50 -1.04
N LEU C 75 18.73 6.79 -1.03
CA LEU C 75 20.11 7.23 -0.89
C LEU C 75 20.37 7.51 0.60
N LEU C 76 21.25 6.72 1.20
CA LEU C 76 21.45 6.79 2.63
C LEU C 76 21.91 8.18 3.06
N THR C 77 21.39 8.64 4.19
CA THR C 77 21.71 9.94 4.74
C THR C 77 22.76 9.87 5.86
N THR C 78 22.89 8.73 6.53
CA THR C 78 23.89 8.59 7.58
C THR C 78 25.30 8.47 7.02
N LYS C 79 25.43 8.13 5.73
CA LYS C 79 26.73 8.12 5.07
C LYS C 79 26.50 8.44 3.60
N ARG C 80 27.05 9.54 3.13
CA ARG C 80 26.76 10.02 1.79
C ARG C 80 27.10 8.97 0.74
N VAL C 81 26.32 8.96 -0.34
CA VAL C 81 26.50 8.03 -1.45
C VAL C 81 26.95 8.81 -2.67
N TYR C 82 27.78 8.16 -3.49
CA TYR C 82 28.33 8.77 -4.70
C TYR C 82 27.24 8.82 -5.76
N TRP C 83 26.34 9.78 -5.61
CA TRP C 83 25.18 9.85 -6.50
C TRP C 83 25.57 9.94 -7.96
N LYS C 84 26.58 10.76 -8.27
CA LYS C 84 27.01 10.90 -9.66
C LYS C 84 27.47 9.56 -10.23
N GLY C 85 28.12 8.73 -9.40
CA GLY C 85 28.51 7.40 -9.84
C GLY C 85 27.31 6.53 -10.16
N VAL C 86 26.33 6.51 -9.27
CA VAL C 86 25.12 5.73 -9.51
C VAL C 86 24.49 6.13 -10.83
N LEU C 87 24.31 7.44 -11.02
CA LEU C 87 23.58 7.94 -12.18
C LEU C 87 24.32 7.63 -13.47
N GLU C 88 25.59 8.04 -13.57
CA GLU C 88 26.33 7.87 -14.82
C GLU C 88 26.59 6.39 -15.11
N GLU C 89 26.86 5.59 -14.09
CA GLU C 89 27.08 4.16 -14.31
C GLU C 89 25.82 3.49 -14.82
N LEU C 90 24.66 3.84 -14.26
CA LEU C 90 23.42 3.20 -14.68
C LEU C 90 23.08 3.52 -16.12
N LEU C 91 23.20 4.79 -16.51
CA LEU C 91 23.03 5.13 -17.93
C LEU C 91 24.05 4.40 -18.79
N TRP C 92 25.29 4.31 -18.31
CA TRP C 92 26.32 3.54 -19.02
C TRP C 92 25.92 2.08 -19.17
N PHE C 93 25.40 1.47 -18.10
CA PHE C 93 24.86 0.11 -18.21
C PHE C 93 23.81 0.04 -19.30
N ILE C 94 22.82 0.94 -19.25
CA ILE C 94 21.69 0.86 -20.15
C ILE C 94 22.14 0.99 -21.60
N SER C 95 23.09 1.89 -21.86
CA SER C 95 23.59 2.06 -23.22
C SER C 95 24.20 0.79 -23.77
N GLY C 96 24.49 -0.18 -22.91
CA GLY C 96 25.12 -1.42 -23.33
C GLY C 96 26.62 -1.36 -23.40
N SER C 97 27.23 -0.23 -23.04
CA SER C 97 28.66 -0.05 -23.23
C SER C 97 29.45 -0.94 -22.26
N THR C 98 30.55 -1.48 -22.76
CA THR C 98 31.53 -2.16 -21.94
C THR C 98 32.88 -1.46 -21.99
N ASP C 99 32.92 -0.23 -22.50
CA ASP C 99 34.14 0.55 -22.63
C ASP C 99 34.24 1.45 -21.39
N GLY C 100 35.15 1.10 -20.48
CA GLY C 100 35.31 1.89 -19.26
C GLY C 100 35.68 3.34 -19.50
N LYS C 101 36.24 3.66 -20.67
CA LYS C 101 36.69 5.03 -20.93
C LYS C 101 35.52 6.00 -21.03
N LEU C 102 34.33 5.52 -21.40
CA LEU C 102 33.19 6.41 -21.46
C LEU C 102 32.84 6.95 -20.08
N LEU C 103 33.04 6.14 -19.04
CA LEU C 103 32.78 6.60 -17.68
C LEU C 103 33.82 7.61 -17.23
N MET C 104 35.09 7.41 -17.61
CA MET C 104 36.13 8.34 -17.21
C MET C 104 35.93 9.71 -17.85
N GLU C 105 35.43 9.74 -19.08
CA GLU C 105 35.07 11.02 -19.71
C GLU C 105 33.95 11.72 -18.95
N LYS C 106 33.28 11.02 -18.05
CA LYS C 106 32.25 11.58 -17.18
C LYS C 106 32.78 11.93 -15.80
N ASN C 107 34.05 11.65 -15.52
CA ASN C 107 34.68 11.91 -14.21
C ASN C 107 34.11 10.97 -13.15
N VAL C 108 34.04 9.69 -13.50
CA VAL C 108 33.59 8.62 -12.61
C VAL C 108 34.67 7.55 -12.68
N LYS C 109 35.47 7.44 -11.62
CA LYS C 109 36.70 6.68 -11.67
C LYS C 109 36.55 5.27 -11.13
N ILE C 110 35.31 4.78 -11.04
CA ILE C 110 35.12 3.37 -10.80
C ILE C 110 35.44 2.64 -12.09
N TRP C 111 35.79 1.37 -11.98
CA TRP C 111 36.13 0.52 -13.11
C TRP C 111 37.42 0.97 -13.79
N GLU C 112 38.09 2.02 -13.29
CA GLU C 112 39.32 2.48 -13.92
C GLU C 112 40.46 1.53 -13.62
N LYS C 113 40.66 1.22 -12.34
CA LYS C 113 41.71 0.31 -11.93
C LYS C 113 41.46 -1.08 -12.49
N ASN C 114 40.20 -1.43 -12.74
CA ASN C 114 39.85 -2.74 -13.29
C ASN C 114 40.04 -2.84 -14.80
N GLY C 115 40.30 -1.73 -15.48
CA GLY C 115 40.36 -1.75 -16.92
C GLY C 115 41.65 -1.21 -17.52
N ASP C 116 42.66 -0.97 -16.69
CA ASP C 116 43.92 -0.45 -17.19
C ASP C 116 44.88 -1.60 -17.51
N ARG C 117 46.07 -1.25 -18.00
CA ARG C 117 46.98 -2.24 -18.56
C ARG C 117 47.35 -3.31 -17.53
N ALA C 118 47.75 -2.87 -16.34
CA ALA C 118 48.23 -3.81 -15.32
C ALA C 118 47.17 -4.86 -14.99
N PHE C 119 45.96 -4.43 -14.67
CA PHE C 119 44.91 -5.35 -14.24
C PHE C 119 44.53 -6.31 -15.36
N LEU C 120 44.45 -5.81 -16.59
CA LEU C 120 44.09 -6.64 -17.73
C LEU C 120 45.16 -7.70 -18.00
N ASP C 121 46.42 -7.28 -18.03
CA ASP C 121 47.50 -8.23 -18.28
C ASP C 121 47.55 -9.30 -17.20
N ASN C 122 47.25 -8.94 -15.95
CA ASN C 122 47.28 -9.93 -14.88
C ASN C 122 46.23 -11.01 -15.10
N LEU C 123 45.13 -10.69 -15.77
CA LEU C 123 44.09 -11.67 -16.06
C LEU C 123 44.32 -12.37 -17.39
N GLY C 124 45.40 -12.05 -18.10
CA GLY C 124 45.71 -12.68 -19.36
C GLY C 124 45.07 -12.04 -20.57
N PHE C 125 44.40 -10.90 -20.42
CA PHE C 125 43.84 -10.17 -21.55
C PHE C 125 44.88 -9.25 -22.18
N THR C 126 46.03 -9.82 -22.55
CA THR C 126 47.14 -9.01 -23.03
C THR C 126 46.87 -8.38 -24.38
N SER C 127 45.85 -8.85 -25.10
CA SER C 127 45.49 -8.29 -26.40
C SER C 127 44.42 -7.21 -26.30
N ARG C 128 43.93 -6.93 -25.10
CA ARG C 128 42.76 -6.07 -24.94
C ARG C 128 43.20 -4.63 -24.72
N GLU C 129 42.59 -3.71 -25.46
CA GLU C 129 42.85 -2.29 -25.27
C GLU C 129 42.41 -1.86 -23.87
N GLU C 130 43.06 -0.82 -23.35
CA GLU C 130 42.71 -0.31 -22.04
C GLU C 130 41.25 0.17 -22.00
N GLY C 131 40.54 -0.22 -20.94
CA GLY C 131 39.16 0.16 -20.74
C GLY C 131 38.15 -0.86 -21.23
N ASP C 132 38.57 -1.87 -21.98
CA ASP C 132 37.68 -2.93 -22.45
C ASP C 132 37.45 -3.90 -21.30
N LEU C 133 36.35 -3.69 -20.56
CA LEU C 133 36.05 -4.47 -19.37
C LEU C 133 35.49 -5.86 -19.68
N GLY C 134 35.22 -6.17 -20.94
CA GLY C 134 34.67 -7.46 -21.30
C GLY C 134 33.15 -7.46 -21.24
N PRO C 135 32.55 -8.65 -21.36
CA PRO C 135 31.08 -8.75 -21.42
C PRO C 135 30.42 -8.63 -20.05
N VAL C 136 30.61 -7.47 -19.41
CA VAL C 136 30.03 -7.19 -18.10
C VAL C 136 28.58 -6.70 -18.26
N TYR C 137 28.01 -6.18 -17.16
CA TYR C 137 26.59 -5.87 -17.05
C TYR C 137 25.94 -5.39 -18.35
N GLY C 138 26.35 -4.22 -18.85
CA GLY C 138 25.69 -3.65 -20.01
C GLY C 138 25.54 -4.63 -21.15
N PHE C 139 26.61 -5.40 -21.42
CA PHE C 139 26.54 -6.38 -22.50
C PHE C 139 25.51 -7.46 -22.20
N GLN C 140 25.46 -7.94 -20.95
CA GLN C 140 24.51 -8.98 -20.59
C GLN C 140 23.08 -8.46 -20.62
N TRP C 141 22.88 -7.21 -20.16
CA TRP C 141 21.53 -6.64 -20.11
C TRP C 141 20.90 -6.53 -21.48
N ARG C 142 21.69 -6.13 -22.49
CA ARG C 142 21.15 -5.84 -23.82
C ARG C 142 21.51 -6.88 -24.87
N HIS C 143 22.47 -7.76 -24.60
CA HIS C 143 22.90 -8.75 -25.61
C HIS C 143 23.27 -10.07 -24.94
N PHE C 144 22.46 -10.53 -24.00
CA PHE C 144 22.77 -11.79 -23.33
C PHE C 144 22.89 -12.91 -24.36
N GLY C 145 23.93 -13.71 -24.23
CA GLY C 145 24.15 -14.84 -25.11
C GLY C 145 24.91 -14.54 -26.38
N ALA C 146 25.28 -13.30 -26.63
CA ALA C 146 26.06 -12.98 -27.82
C ALA C 146 27.54 -13.23 -27.54
N LYS C 147 28.29 -13.54 -28.59
CA LYS C 147 29.72 -13.78 -28.45
C LYS C 147 30.45 -12.44 -28.47
N TYR C 148 31.04 -12.09 -27.33
CA TYR C 148 31.75 -10.84 -27.17
C TYR C 148 33.08 -10.86 -27.93
N VAL C 149 33.53 -9.69 -28.35
CA VAL C 149 34.83 -9.58 -29.00
C VAL C 149 35.61 -8.39 -28.42
N ASP C 150 35.02 -7.20 -28.40
CA ASP C 150 35.65 -6.04 -27.80
C ASP C 150 34.57 -4.98 -27.59
N CYS C 151 34.96 -3.87 -26.98
CA CYS C 151 34.03 -2.83 -26.58
C CYS C 151 33.67 -1.86 -27.70
N HIS C 152 34.23 -2.03 -28.89
CA HIS C 152 33.90 -1.19 -30.04
C HIS C 152 33.17 -1.95 -31.15
N THR C 153 32.54 -3.08 -30.82
CA THR C 153 31.87 -3.91 -31.80
C THR C 153 30.38 -3.68 -31.77
N ASP C 154 29.77 -3.65 -32.97
CA ASP C 154 28.33 -3.47 -33.10
C ASP C 154 27.64 -4.81 -32.84
N TYR C 155 26.92 -4.89 -31.72
CA TYR C 155 26.21 -6.09 -31.34
C TYR C 155 24.71 -6.00 -31.65
N SER C 156 24.33 -5.05 -32.50
CA SER C 156 22.93 -4.85 -32.83
C SER C 156 22.31 -6.15 -33.35
N GLY C 157 21.18 -6.52 -32.75
CA GLY C 157 20.46 -7.71 -33.16
C GLY C 157 21.07 -9.02 -32.69
N GLN C 158 22.15 -8.97 -31.93
CA GLN C 158 22.78 -10.17 -31.38
C GLN C 158 22.34 -10.36 -29.94
N GLY C 159 22.09 -11.61 -29.57
CA GLY C 159 21.71 -11.93 -28.21
C GLY C 159 20.34 -11.39 -27.84
N VAL C 160 20.00 -11.60 -26.57
CA VAL C 160 18.71 -11.18 -26.02
C VAL C 160 18.83 -9.79 -25.41
N ASP C 161 17.90 -8.90 -25.78
CA ASP C 161 17.81 -7.58 -25.16
C ASP C 161 16.88 -7.72 -23.95
N GLN C 162 17.46 -8.16 -22.84
CA GLN C 162 16.67 -8.39 -21.64
C GLN C 162 15.96 -7.13 -21.17
N LEU C 163 16.64 -5.98 -21.24
CA LEU C 163 16.03 -4.75 -20.73
C LEU C 163 14.84 -4.32 -21.58
N ALA C 164 14.88 -4.59 -22.89
CA ALA C 164 13.74 -4.29 -23.73
C ALA C 164 12.60 -5.28 -23.50
N GLU C 165 12.93 -6.51 -23.12
CA GLU C 165 11.91 -7.52 -22.87
C GLU C 165 11.12 -7.23 -21.60
N VAL C 166 11.82 -6.91 -20.51
CA VAL C 166 11.14 -6.59 -19.26
C VAL C 166 10.20 -5.41 -19.45
N ILE C 167 10.66 -4.38 -20.18
CA ILE C 167 9.83 -3.21 -20.40
C ILE C 167 8.59 -3.60 -21.21
N ARG C 168 8.76 -4.50 -22.17
CA ARG C 168 7.61 -5.01 -22.92
C ARG C 168 6.68 -5.80 -22.00
N GLN C 169 7.26 -6.71 -21.20
CA GLN C 169 6.44 -7.52 -20.30
C GLN C 169 5.60 -6.64 -19.38
N ILE C 170 6.22 -5.62 -18.78
CA ILE C 170 5.50 -4.74 -17.85
C ILE C 170 4.34 -4.06 -18.56
N LYS C 171 4.54 -3.64 -19.81
CA LYS C 171 3.50 -2.91 -20.53
C LYS C 171 2.38 -3.84 -20.97
N GLU C 172 2.73 -5.04 -21.46
CA GLU C 172 1.78 -5.94 -22.09
C GLU C 172 1.37 -7.10 -21.19
N GLN C 173 2.20 -7.47 -20.21
CA GLN C 173 1.89 -8.56 -19.28
C GLN C 173 2.25 -8.15 -17.85
N PRO C 174 1.58 -7.13 -17.33
CA PRO C 174 1.95 -6.64 -15.98
C PRO C 174 1.85 -7.70 -14.91
N ASP C 175 0.97 -8.68 -15.09
CA ASP C 175 0.75 -9.73 -14.10
C ASP C 175 1.81 -10.82 -14.14
N SER C 176 2.75 -10.75 -15.07
CA SER C 176 3.71 -11.85 -15.27
C SER C 176 4.58 -12.04 -14.04
N ARG C 177 4.90 -13.29 -13.75
CA ARG C 177 5.79 -13.65 -12.65
C ARG C 177 7.17 -14.09 -13.14
N ARG C 178 7.52 -13.78 -14.40
CA ARG C 178 8.81 -14.15 -14.97
C ARG C 178 9.49 -12.94 -15.60
N ILE C 179 9.19 -11.75 -15.09
CA ILE C 179 9.80 -10.51 -15.57
C ILE C 179 11.18 -10.37 -14.94
N ILE C 180 12.20 -10.88 -15.63
CA ILE C 180 13.52 -11.09 -15.02
C ILE C 180 14.61 -10.61 -15.96
N MET C 181 15.68 -10.08 -15.37
CA MET C 181 16.88 -9.66 -16.09
C MET C 181 18.09 -10.11 -15.29
N SER C 182 18.92 -10.96 -15.88
CA SER C 182 20.08 -11.53 -15.20
C SER C 182 21.36 -11.04 -15.85
N ALA C 183 22.36 -10.75 -15.01
CA ALA C 183 23.70 -10.43 -15.47
C ALA C 183 24.67 -11.59 -15.30
N TRP C 184 24.19 -12.72 -14.79
CA TRP C 184 25.05 -13.88 -14.52
C TRP C 184 25.03 -14.80 -15.74
N ASN C 185 26.10 -14.76 -16.53
CA ASN C 185 26.25 -15.61 -17.70
C ASN C 185 27.49 -16.48 -17.50
N PRO C 186 27.34 -17.72 -17.04
CA PRO C 186 28.52 -18.58 -16.81
C PRO C 186 29.49 -18.63 -17.97
N SER C 187 28.99 -18.57 -19.21
CA SER C 187 29.87 -18.68 -20.38
C SER C 187 30.83 -17.50 -20.49
N ASP C 188 30.41 -16.31 -20.05
CA ASP C 188 31.19 -15.09 -20.22
C ASP C 188 31.99 -14.69 -18.98
N LEU C 189 31.78 -15.37 -17.84
CA LEU C 189 32.49 -14.99 -16.62
C LEU C 189 33.99 -14.91 -16.85
N GLY C 190 34.54 -15.83 -17.64
CA GLY C 190 35.97 -15.86 -17.85
C GLY C 190 36.52 -14.57 -18.43
N GLN C 191 35.77 -13.94 -19.33
CA GLN C 191 36.22 -12.74 -20.03
C GLN C 191 35.89 -11.46 -19.29
N MET C 192 35.27 -11.53 -18.12
CA MET C 192 34.95 -10.36 -17.32
C MET C 192 36.12 -9.97 -16.44
N VAL C 193 36.42 -8.67 -16.38
CA VAL C 193 37.42 -8.18 -15.43
C VAL C 193 36.96 -8.43 -14.00
N LEU C 194 35.66 -8.37 -13.76
CA LEU C 194 35.09 -8.61 -12.44
C LEU C 194 33.77 -9.37 -12.60
N PRO C 195 33.54 -10.44 -11.83
CA PRO C 195 32.26 -11.14 -11.95
C PRO C 195 31.13 -10.28 -11.43
N PRO C 196 29.92 -10.45 -11.95
CA PRO C 196 28.80 -9.62 -11.50
C PRO C 196 28.59 -9.75 -10.00
N CYS C 197 28.21 -8.64 -9.37
CA CYS C 197 27.91 -8.62 -7.95
C CYS C 197 26.41 -8.63 -7.68
N HIS C 198 25.67 -7.72 -8.32
CA HIS C 198 24.21 -7.76 -8.35
C HIS C 198 23.81 -8.65 -9.52
N THR C 199 23.43 -9.90 -9.22
CA THR C 199 23.40 -10.94 -10.25
C THR C 199 22.10 -11.00 -11.04
N MET C 200 20.98 -10.58 -10.46
CA MET C 200 19.72 -10.55 -11.20
C MET C 200 18.72 -9.72 -10.43
N CYS C 201 17.66 -9.32 -11.12
CA CYS C 201 16.55 -8.61 -10.50
C CYS C 201 15.25 -9.03 -11.17
N GLN C 202 14.16 -8.90 -10.43
CA GLN C 202 12.83 -9.25 -10.91
C GLN C 202 11.88 -8.09 -10.64
N PHE C 203 10.97 -7.85 -11.58
CA PHE C 203 9.99 -6.79 -11.49
C PHE C 203 8.60 -7.36 -11.26
N TYR C 204 7.69 -6.48 -10.86
CA TYR C 204 6.41 -6.89 -10.29
C TYR C 204 5.47 -5.69 -10.32
N VAL C 205 4.28 -5.89 -10.87
CA VAL C 205 3.30 -4.82 -11.05
C VAL C 205 2.07 -5.10 -10.21
N ASP C 206 1.59 -4.09 -9.49
CA ASP C 206 0.42 -4.23 -8.65
C ASP C 206 -0.29 -2.88 -8.57
N ASN C 207 -1.52 -2.82 -9.07
CA ASN C 207 -2.33 -1.61 -9.08
C ASN C 207 -1.55 -0.43 -9.63
N GLY C 208 -0.88 -0.66 -10.75
CA GLY C 208 -0.12 0.39 -11.39
C GLY C 208 1.16 0.79 -10.67
N GLU C 209 1.64 -0.05 -9.75
CA GLU C 209 2.87 0.21 -9.03
C GLU C 209 3.93 -0.80 -9.46
N LEU C 210 5.10 -0.31 -9.84
CA LEU C 210 6.19 -1.15 -10.29
C LEU C 210 7.15 -1.40 -9.12
N SER C 211 7.34 -2.67 -8.79
CA SER C 211 8.29 -3.07 -7.75
C SER C 211 9.44 -3.83 -8.39
N CYS C 212 10.52 -3.96 -7.62
CA CYS C 212 11.74 -4.56 -8.13
C CYS C 212 12.45 -5.27 -6.99
N GLN C 213 12.74 -6.56 -7.18
CA GLN C 213 13.58 -7.31 -6.25
C GLN C 213 14.93 -7.54 -6.89
N LEU C 214 15.98 -7.30 -6.12
CA LEU C 214 17.36 -7.49 -6.55
C LEU C 214 17.99 -8.60 -5.71
N TYR C 215 18.66 -9.54 -6.38
CA TYR C 215 19.46 -10.54 -5.69
C TYR C 215 20.93 -10.17 -5.83
N GLN C 216 21.59 -9.95 -4.69
CA GLN C 216 22.98 -9.55 -4.63
C GLN C 216 23.78 -10.64 -3.92
N ARG C 217 24.64 -11.34 -4.67
CA ARG C 217 25.39 -12.45 -4.09
C ARG C 217 26.30 -11.99 -2.95
N SER C 218 26.82 -10.76 -3.03
CA SER C 218 27.81 -10.29 -2.08
C SER C 218 27.60 -8.80 -1.84
N GLY C 219 27.65 -8.40 -0.57
CA GLY C 219 27.37 -7.03 -0.22
C GLY C 219 28.23 -6.49 0.90
N ASP C 220 29.02 -5.46 0.58
CA ASP C 220 29.78 -4.71 1.57
C ASP C 220 28.87 -3.62 2.11
N MET C 221 28.33 -3.84 3.31
CA MET C 221 27.37 -2.90 3.88
C MET C 221 27.98 -1.53 4.14
N GLY C 222 29.30 -1.39 4.07
CA GLY C 222 29.95 -0.12 4.36
C GLY C 222 30.08 0.79 3.16
N LEU C 223 29.97 0.22 1.95
CA LEU C 223 30.25 0.99 0.74
C LEU C 223 29.36 0.59 -0.42
N GLY C 224 29.50 -0.66 -0.89
CA GLY C 224 28.85 -1.05 -2.12
C GLY C 224 27.33 -1.11 -2.01
N VAL C 225 26.82 -1.70 -0.93
CA VAL C 225 25.38 -1.94 -0.83
C VAL C 225 24.58 -0.64 -0.91
N PRO C 226 24.90 0.41 -0.16
CA PRO C 226 24.16 1.67 -0.33
C PRO C 226 24.17 2.17 -1.76
N PHE C 227 25.28 1.96 -2.47
CA PHE C 227 25.35 2.33 -3.89
C PHE C 227 24.41 1.49 -4.73
N ASN C 228 24.37 0.18 -4.49
CA ASN C 228 23.50 -0.70 -5.29
C ASN C 228 22.03 -0.38 -5.05
N LEU C 229 21.65 -0.07 -3.82
CA LEU C 229 20.28 0.31 -3.54
C LEU C 229 19.87 1.51 -4.38
N ALA C 230 20.76 2.49 -4.54
CA ALA C 230 20.45 3.66 -5.35
C ALA C 230 20.38 3.31 -6.82
N SER C 231 21.33 2.52 -7.32
CA SER C 231 21.29 2.13 -8.73
C SER C 231 19.95 1.51 -9.09
N TYR C 232 19.57 0.44 -8.40
CA TYR C 232 18.34 -0.27 -8.75
C TYR C 232 17.12 0.51 -8.34
N GLY C 233 17.21 1.34 -7.31
CA GLY C 233 16.14 2.26 -7.01
C GLY C 233 15.90 3.23 -8.15
N LEU C 234 16.98 3.80 -8.69
CA LEU C 234 16.86 4.70 -9.83
C LEU C 234 16.35 3.95 -11.07
N LEU C 235 16.89 2.74 -11.32
CA LEU C 235 16.44 1.96 -12.46
C LEU C 235 14.93 1.74 -12.41
N THR C 236 14.39 1.40 -11.24
CA THR C 236 12.95 1.19 -11.11
C THR C 236 12.19 2.46 -11.43
N HIS C 237 12.65 3.60 -10.91
CA HIS C 237 11.99 4.87 -11.22
C HIS C 237 12.01 5.14 -12.71
N MET C 238 13.12 4.81 -13.38
CA MET C 238 13.21 5.03 -14.82
C MET C 238 12.26 4.13 -15.57
N ILE C 239 12.30 2.82 -15.28
CA ILE C 239 11.40 1.88 -15.96
C ILE C 239 9.95 2.22 -15.65
N ALA C 240 9.66 2.65 -14.42
CA ALA C 240 8.30 3.03 -14.07
C ALA C 240 7.79 4.16 -14.96
N LYS C 241 8.63 5.16 -15.23
CA LYS C 241 8.21 6.28 -16.07
C LYS C 241 8.00 5.85 -17.51
N VAL C 242 8.87 4.98 -18.03
CA VAL C 242 8.75 4.52 -19.41
C VAL C 242 7.46 3.75 -19.61
N CYS C 243 7.09 2.91 -18.64
CA CYS C 243 5.89 2.10 -18.74
C CYS C 243 4.64 2.84 -18.26
N GLY C 244 4.75 4.13 -17.97
CA GLY C 244 3.59 4.88 -17.50
C GLY C 244 3.03 4.35 -16.20
N LEU C 245 3.91 3.93 -15.29
CA LEU C 245 3.52 3.38 -13.99
C LEU C 245 4.11 4.24 -12.88
N LYS C 246 3.69 3.94 -11.63
CA LYS C 246 4.25 4.62 -10.47
C LYS C 246 5.24 3.71 -9.75
N PRO C 247 6.24 4.28 -9.07
CA PRO C 247 7.22 3.44 -8.39
C PRO C 247 6.62 2.79 -7.14
N GLY C 248 7.03 1.56 -6.89
CA GLY C 248 6.50 0.80 -5.77
C GLY C 248 7.53 0.54 -4.68
N THR C 249 8.11 -0.66 -4.68
CA THR C 249 9.00 -1.10 -3.62
C THR C 249 10.26 -1.72 -4.20
N LEU C 250 11.38 -1.48 -3.52
CA LEU C 250 12.65 -2.13 -3.84
C LEU C 250 12.92 -3.18 -2.77
N VAL C 251 12.98 -4.44 -3.19
CA VAL C 251 13.30 -5.55 -2.31
C VAL C 251 14.76 -5.89 -2.54
N HIS C 252 15.57 -5.81 -1.49
CA HIS C 252 17.00 -6.05 -1.58
C HIS C 252 17.33 -7.35 -0.86
N THR C 253 17.62 -8.39 -1.63
CA THR C 253 18.04 -9.67 -1.09
C THR C 253 19.56 -9.79 -1.19
N LEU C 254 20.18 -10.25 -0.11
CA LEU C 254 21.62 -10.41 -0.04
C LEU C 254 21.99 -11.85 0.22
N GLY C 255 23.04 -12.32 -0.44
CA GLY C 255 23.67 -13.58 -0.07
C GLY C 255 24.60 -13.37 1.10
N ASP C 256 25.87 -13.09 0.82
CA ASP C 256 26.85 -12.80 1.86
C ASP C 256 26.77 -11.31 2.17
N ALA C 257 25.97 -10.98 3.18
CA ALA C 257 25.91 -9.63 3.73
C ALA C 257 26.99 -9.48 4.79
N HIS C 258 27.93 -8.56 4.57
CA HIS C 258 29.11 -8.50 5.43
C HIS C 258 29.59 -7.07 5.59
N VAL C 259 30.30 -6.86 6.70
CA VAL C 259 31.09 -5.66 6.94
C VAL C 259 32.53 -6.11 7.12
N TYR C 260 33.49 -5.26 6.75
CA TYR C 260 34.89 -5.58 6.91
C TYR C 260 35.35 -5.20 8.31
N SER C 261 36.08 -6.12 8.96
CA SER C 261 36.46 -5.96 10.36
C SER C 261 37.23 -4.66 10.59
N ASN C 262 38.15 -4.32 9.69
CA ASN C 262 38.99 -3.14 9.86
CA ASN C 262 38.97 -3.14 9.91
C ASN C 262 38.19 -1.85 9.86
N HIS C 263 36.96 -1.85 9.34
CA HIS C 263 36.15 -0.64 9.23
C HIS C 263 34.98 -0.61 10.20
N VAL C 264 35.04 -1.39 11.28
CA VAL C 264 33.97 -1.36 12.27
C VAL C 264 33.88 0.02 12.92
N ASP C 265 35.00 0.75 12.95
CA ASP C 265 34.97 2.10 13.51
C ASP C 265 33.92 2.96 12.82
N ALA C 266 33.93 2.97 11.49
CA ALA C 266 33.03 3.85 10.75
C ALA C 266 31.58 3.47 10.96
N LEU C 267 31.27 2.17 11.01
CA LEU C 267 29.89 1.74 11.11
C LEU C 267 29.32 2.04 12.50
N LYS C 268 30.12 1.85 13.55
CA LYS C 268 29.68 2.26 14.88
C LYS C 268 29.23 3.72 14.89
N ILE C 269 29.97 4.59 14.21
CA ILE C 269 29.57 5.99 14.09
C ILE C 269 28.27 6.11 13.30
N GLN C 270 28.24 5.50 12.12
CA GLN C 270 27.07 5.62 11.24
C GLN C 270 25.79 5.16 11.95
N LEU C 271 25.89 4.12 12.77
CA LEU C 271 24.70 3.57 13.42
C LEU C 271 24.14 4.51 14.48
N ASP C 272 24.99 5.33 15.12
CA ASP C 272 24.51 6.25 16.14
C ASP C 272 23.88 7.51 15.55
N ARG C 273 23.73 7.58 14.24
CA ARG C 273 23.16 8.74 13.57
C ARG C 273 21.69 8.48 13.25
N GLU C 274 20.86 9.49 13.49
CA GLU C 274 19.44 9.39 13.15
C GLU C 274 19.24 9.76 11.69
N PRO C 275 18.69 8.87 10.86
CA PRO C 275 18.56 9.20 9.43
C PRO C 275 17.60 10.36 9.16
N TYR C 276 18.01 11.21 8.22
CA TYR C 276 17.10 12.19 7.64
C TYR C 276 16.21 11.53 6.58
N ALA C 277 15.27 12.28 6.07
CA ALA C 277 14.38 11.78 5.02
C ALA C 277 15.17 11.49 3.75
N PHE C 278 14.73 10.48 3.01
CA PHE C 278 15.36 10.17 1.74
C PHE C 278 15.14 11.31 0.74
N PRO C 279 16.03 11.46 -0.24
CA PRO C 279 15.78 12.42 -1.33
C PRO C 279 14.73 11.90 -2.30
N LYS C 280 14.39 12.69 -3.31
CA LYS C 280 13.38 12.30 -4.29
C LYS C 280 13.93 12.47 -5.69
N ILE C 281 13.54 11.56 -6.57
CA ILE C 281 13.92 11.63 -7.98
C ILE C 281 12.86 12.42 -8.72
N ARG C 282 13.31 13.22 -9.69
CA ARG C 282 12.40 14.04 -10.49
C ARG C 282 12.95 14.13 -11.90
N PHE C 283 12.17 13.65 -12.87
CA PHE C 283 12.54 13.66 -14.28
C PHE C 283 11.93 14.90 -14.92
N THR C 284 12.79 15.76 -15.47
CA THR C 284 12.37 17.09 -15.89
C THR C 284 11.87 17.15 -17.32
N ARG C 285 11.88 16.02 -18.05
CA ARG C 285 11.27 15.96 -19.37
C ARG C 285 10.77 14.54 -19.61
N ASP C 286 10.02 14.40 -20.69
CA ASP C 286 9.51 13.09 -21.10
C ASP C 286 10.61 12.28 -21.77
N VAL C 287 10.34 10.99 -21.95
CA VAL C 287 11.31 10.07 -22.54
C VAL C 287 10.59 9.16 -23.52
N ALA C 288 11.21 8.94 -24.69
CA ALA C 288 10.63 8.06 -25.69
C ALA C 288 10.90 6.59 -25.41
N SER C 289 11.93 6.29 -24.62
CA SER C 289 12.29 4.91 -24.32
C SER C 289 13.28 4.93 -23.17
N ILE C 290 13.63 3.73 -22.69
CA ILE C 290 14.62 3.62 -21.63
C ILE C 290 15.96 4.15 -22.10
N ASP C 291 16.17 4.23 -23.40
CA ASP C 291 17.41 4.73 -23.99
C ASP C 291 17.41 6.23 -24.20
N ASP C 292 16.34 6.93 -23.82
CA ASP C 292 16.20 8.35 -24.09
C ASP C 292 16.45 9.21 -22.84
N PHE C 293 17.21 8.69 -21.87
CA PHE C 293 17.54 9.42 -20.66
C PHE C 293 18.91 10.08 -20.79
N THR C 294 19.09 11.17 -20.05
CA THR C 294 20.35 11.89 -20.02
C THR C 294 20.53 12.48 -18.62
N SER C 295 21.79 12.70 -18.25
CA SER C 295 22.09 13.14 -16.88
C SER C 295 21.45 14.50 -16.56
N ASP C 296 21.26 15.35 -17.58
CA ASP C 296 20.76 16.69 -17.32
C ASP C 296 19.29 16.73 -16.91
N MET C 297 18.56 15.62 -17.06
CA MET C 297 17.13 15.60 -16.77
C MET C 297 16.77 14.62 -15.65
N ILE C 298 17.75 14.07 -14.94
CA ILE C 298 17.51 13.27 -13.74
C ILE C 298 17.93 14.14 -12.56
N ALA C 299 16.94 14.67 -11.84
CA ALA C 299 17.18 15.58 -10.74
C ALA C 299 16.97 14.85 -9.41
N LEU C 300 17.83 15.16 -8.43
CA LEU C 300 17.76 14.60 -7.09
C LEU C 300 17.49 15.75 -6.12
N ASP C 301 16.33 15.74 -5.47
CA ASP C 301 15.90 16.86 -4.63
C ASP C 301 16.07 16.55 -3.16
N ASP C 302 16.64 17.50 -2.43
CA ASP C 302 16.65 17.49 -0.96
C ASP C 302 17.40 16.29 -0.42
N TYR C 303 18.58 16.04 -0.98
CA TYR C 303 19.47 15.01 -0.47
C TYR C 303 20.31 15.62 0.63
N LYS C 304 19.88 15.42 1.87
CA LYS C 304 20.58 15.92 3.05
C LYS C 304 21.28 14.76 3.73
N CYS C 305 22.57 14.94 4.00
CA CYS C 305 23.40 13.89 4.59
C CYS C 305 24.06 14.39 5.87
N HIS C 306 24.47 13.41 6.68
CA HIS C 306 25.33 13.68 7.81
C HIS C 306 26.76 13.93 7.33
N PRO C 307 27.55 14.65 8.11
CA PRO C 307 28.90 15.02 7.68
C PRO C 307 29.78 13.80 7.44
N LYS C 308 30.91 14.05 6.78
CA LYS C 308 31.90 13.03 6.48
C LYS C 308 32.31 12.30 7.75
N ILE C 309 32.87 11.10 7.62
CA ILE C 309 33.34 10.31 8.74
C ILE C 309 34.86 10.26 8.64
N PRO C 310 35.62 10.70 9.66
CA PRO C 310 37.08 10.60 9.57
C PRO C 310 37.58 9.17 9.39
N HIS D 26 7.39 -23.90 19.81
CA HIS D 26 6.93 -24.97 18.94
C HIS D 26 8.03 -25.99 18.70
N LEU D 27 7.64 -27.27 18.62
CA LEU D 27 8.63 -28.33 18.36
C LEU D 27 9.37 -28.09 17.05
N ASN D 28 8.68 -27.61 16.02
CA ASN D 28 9.28 -27.37 14.71
C ASN D 28 9.07 -25.91 14.34
N GLN D 29 9.96 -25.04 14.83
CA GLN D 29 9.81 -23.61 14.58
C GLN D 29 9.89 -23.28 13.10
N ASP D 30 10.70 -24.03 12.34
CA ASP D 30 10.92 -23.68 10.94
C ASP D 30 9.64 -23.83 10.12
N GLU D 31 8.87 -24.89 10.34
CA GLU D 31 7.62 -25.04 9.61
C GLU D 31 6.54 -24.11 10.13
N TYR D 32 6.55 -23.80 11.44
CA TYR D 32 5.62 -22.81 11.95
C TYR D 32 5.83 -21.46 11.25
N LYS D 33 7.09 -21.07 11.05
CA LYS D 33 7.38 -19.85 10.29
C LYS D 33 6.85 -19.95 8.87
N TYR D 34 6.89 -21.14 8.27
CA TYR D 34 6.29 -21.30 6.94
C TYR D 34 4.80 -21.05 6.98
N LEU D 35 4.10 -21.59 7.98
CA LEU D 35 2.67 -21.36 8.11
C LEU D 35 2.37 -19.87 8.28
N LYS D 36 3.21 -19.16 9.04
CA LYS D 36 2.98 -17.73 9.22
C LYS D 36 3.24 -16.95 7.95
N GLN D 37 4.16 -17.43 7.09
CA GLN D 37 4.30 -16.86 5.77
C GLN D 37 2.97 -16.92 5.02
N VAL D 38 2.38 -18.11 4.95
CA VAL D 38 1.07 -18.25 4.32
C VAL D 38 0.06 -17.33 4.98
N GLU D 39 0.08 -17.26 6.31
CA GLU D 39 -0.86 -16.41 7.03
C GLU D 39 -0.62 -14.95 6.68
N GLN D 40 0.64 -14.53 6.60
CA GLN D 40 0.94 -13.15 6.23
C GLN D 40 0.48 -12.83 4.83
N ILE D 41 0.62 -13.77 3.90
CA ILE D 41 0.18 -13.56 2.53
C ILE D 41 -1.33 -13.32 2.49
N LEU D 42 -2.09 -14.13 3.22
CA LEU D 42 -3.54 -14.01 3.19
C LEU D 42 -4.00 -12.68 3.79
N ARG D 43 -3.33 -12.21 4.84
CA ARG D 43 -3.76 -10.98 5.49
C ARG D 43 -3.30 -9.73 4.73
N GLU D 44 -2.07 -9.76 4.20
CA GLU D 44 -1.48 -8.57 3.60
C GLU D 44 -1.33 -8.64 2.08
N GLY D 45 -1.44 -9.82 1.48
CA GLY D 45 -1.24 -9.93 0.04
C GLY D 45 -2.27 -9.14 -0.74
N THR D 46 -1.95 -8.89 -2.01
CA THR D 46 -2.85 -8.19 -2.92
C THR D 46 -3.53 -9.19 -3.85
N ARG D 47 -4.83 -8.99 -4.07
CA ARG D 47 -5.63 -9.88 -4.90
C ARG D 47 -5.56 -9.41 -6.35
N ARG D 48 -5.06 -10.27 -7.23
CA ARG D 48 -4.89 -9.93 -8.63
C ARG D 48 -5.35 -11.08 -9.52
N ASP D 49 -5.72 -10.74 -10.75
CA ASP D 49 -6.08 -11.70 -11.78
C ASP D 49 -5.01 -11.74 -12.85
N ASP D 50 -4.86 -12.91 -13.48
CA ASP D 50 -4.07 -13.03 -14.70
C ASP D 50 -5.02 -13.38 -15.82
N THR D 52 -5.26 -14.66 -16.11
CA THR D 52 -6.28 -15.07 -17.08
C THR D 52 -7.57 -15.47 -16.35
N GLY D 53 -8.10 -14.54 -15.57
CA GLY D 53 -9.31 -14.80 -14.81
C GLY D 53 -9.06 -15.36 -13.42
N THR D 54 -8.07 -16.24 -13.29
CA THR D 54 -7.86 -16.98 -12.05
C THR D 54 -7.04 -16.15 -11.06
N GLY D 55 -7.66 -15.85 -9.90
CA GLY D 55 -7.08 -14.92 -8.96
C GLY D 55 -6.02 -15.54 -8.07
N THR D 56 -5.18 -14.67 -7.51
CA THR D 56 -4.15 -15.05 -6.56
C THR D 56 -4.07 -14.02 -5.45
N ILE D 57 -3.53 -14.44 -4.31
CA ILE D 57 -3.19 -13.56 -3.19
C ILE D 57 -1.68 -13.57 -3.07
N SER D 58 -1.05 -12.39 -3.12
CA SER D 58 0.37 -12.31 -3.40
C SER D 58 1.09 -11.28 -2.55
N ILE D 59 2.28 -11.67 -2.09
CA ILE D 59 3.29 -10.74 -1.58
C ILE D 59 4.51 -10.87 -2.48
N PHE D 60 5.12 -9.73 -2.81
CA PHE D 60 6.36 -9.73 -3.58
C PHE D 60 7.52 -9.50 -2.63
N GLY D 61 8.38 -10.50 -2.51
CA GLY D 61 9.54 -10.41 -1.66
C GLY D 61 9.35 -11.04 -0.30
N MET D 62 9.87 -12.25 -0.12
CA MET D 62 9.80 -12.93 1.16
C MET D 62 11.07 -13.76 1.32
N GLN D 63 11.38 -14.13 2.56
CA GLN D 63 12.58 -14.90 2.84
C GLN D 63 12.40 -15.68 4.13
N SER D 64 12.79 -16.95 4.10
CA SER D 64 12.74 -17.82 5.26
C SER D 64 14.00 -18.67 5.31
N LYS D 65 14.31 -19.18 6.50
CA LYS D 65 15.45 -20.04 6.71
C LYS D 65 14.99 -21.35 7.34
N TYR D 66 15.59 -22.45 6.91
CA TYR D 66 15.25 -23.78 7.39
C TYR D 66 16.52 -24.49 7.81
N CYS D 67 16.53 -24.99 9.04
CA CYS D 67 17.71 -25.64 9.60
C CYS D 67 17.89 -27.03 8.99
N LEU D 68 19.07 -27.28 8.43
CA LEU D 68 19.41 -28.59 7.88
C LEU D 68 20.41 -29.36 8.72
N ARG D 69 20.93 -28.79 9.79
CA ARG D 69 22.00 -29.45 10.51
C ARG D 69 21.50 -30.72 11.18
N ASN D 70 22.41 -31.70 11.30
CA ASN D 70 22.10 -33.02 11.84
C ASN D 70 21.14 -33.82 10.95
N GLY D 71 21.24 -33.61 9.63
CA GLY D 71 20.50 -34.41 8.67
C GLY D 71 19.04 -34.05 8.51
N THR D 72 18.58 -32.96 9.09
CA THR D 72 17.19 -32.58 8.95
C THR D 72 16.91 -32.08 7.53
N ILE D 73 15.72 -32.41 7.03
CA ILE D 73 15.30 -31.98 5.70
C ILE D 73 13.91 -31.37 5.81
N PRO D 74 13.68 -30.15 5.31
CA PRO D 74 12.38 -29.47 5.54
C PRO D 74 11.28 -29.99 4.63
N LEU D 75 10.81 -31.20 4.92
CA LEU D 75 9.63 -31.77 4.27
C LEU D 75 8.43 -31.49 5.16
N LEU D 76 7.50 -30.67 4.68
CA LEU D 76 6.41 -30.19 5.53
C LEU D 76 5.59 -31.35 6.07
N THR D 77 5.20 -31.24 7.34
CA THR D 77 4.41 -32.26 8.02
C THR D 77 2.92 -31.93 8.08
N THR D 78 2.55 -30.66 8.01
CA THR D 78 1.15 -30.28 8.01
C THR D 78 0.47 -30.58 6.67
N LYS D 79 1.24 -30.77 5.62
CA LYS D 79 0.72 -31.18 4.33
C LYS D 79 1.77 -32.03 3.65
N ARG D 80 1.45 -33.30 3.40
CA ARG D 80 2.44 -34.23 2.87
C ARG D 80 3.01 -33.74 1.55
N VAL D 81 4.28 -34.05 1.32
CA VAL D 81 4.97 -33.70 0.09
C VAL D 81 5.28 -34.97 -0.69
N TYR D 82 5.24 -34.84 -2.02
CA TYR D 82 5.50 -35.96 -2.92
C TYR D 82 7.01 -36.24 -2.91
N TRP D 83 7.44 -36.92 -1.85
CA TRP D 83 8.87 -37.14 -1.62
C TRP D 83 9.52 -37.87 -2.79
N LYS D 84 8.88 -38.92 -3.29
CA LYS D 84 9.47 -39.68 -4.39
C LYS D 84 9.68 -38.80 -5.62
N GLY D 85 8.75 -37.86 -5.86
CA GLY D 85 8.94 -36.92 -6.95
C GLY D 85 10.16 -36.03 -6.74
N VAL D 86 10.30 -35.48 -5.53
CA VAL D 86 11.46 -34.66 -5.21
C VAL D 86 12.73 -35.43 -5.51
N LEU D 87 12.82 -36.65 -5.00
CA LEU D 87 14.04 -37.44 -5.10
C LEU D 87 14.36 -37.78 -6.55
N GLU D 88 13.40 -38.40 -7.25
CA GLU D 88 13.65 -38.85 -8.62
C GLU D 88 13.85 -37.67 -9.56
N GLU D 89 13.11 -36.58 -9.36
CA GLU D 89 13.27 -35.41 -10.21
C GLU D 89 14.65 -34.79 -10.04
N LEU D 90 15.14 -34.72 -8.79
CA LEU D 90 16.43 -34.09 -8.54
C LEU D 90 17.57 -34.91 -9.14
N LEU D 91 17.54 -36.24 -8.98
CA LEU D 91 18.52 -37.09 -9.66
C LEU D 91 18.41 -36.90 -11.16
N TRP D 92 17.18 -36.80 -11.67
CA TRP D 92 16.97 -36.54 -13.09
C TRP D 92 17.61 -35.21 -13.50
N PHE D 93 17.42 -34.16 -12.70
CA PHE D 93 18.11 -32.90 -12.96
C PHE D 93 19.61 -33.10 -13.03
N ILE D 94 20.18 -33.74 -12.00
CA ILE D 94 21.63 -33.84 -11.88
C ILE D 94 22.21 -34.60 -13.07
N SER D 95 21.53 -35.67 -13.50
CA SER D 95 22.00 -36.44 -14.64
C SER D 95 22.10 -35.59 -15.90
N GLY D 96 21.49 -34.40 -15.92
CA GLY D 96 21.50 -33.55 -17.07
C GLY D 96 20.41 -33.82 -18.08
N SER D 97 19.51 -34.75 -17.79
CA SER D 97 18.51 -35.17 -18.78
C SER D 97 17.46 -34.09 -18.97
N THR D 98 17.03 -33.93 -20.22
CA THR D 98 15.86 -33.12 -20.56
C THR D 98 14.77 -33.99 -21.17
N ASP D 99 14.89 -35.31 -21.05
CA ASP D 99 13.93 -36.26 -21.61
C ASP D 99 12.93 -36.62 -20.52
N GLY D 100 11.71 -36.08 -20.64
CA GLY D 100 10.67 -36.39 -19.69
C GLY D 100 10.34 -37.86 -19.60
N LYS D 101 10.71 -38.63 -20.63
CA LYS D 101 10.36 -40.05 -20.67
C LYS D 101 11.06 -40.86 -19.60
N LEU D 102 12.25 -40.42 -19.16
CA LEU D 102 12.94 -41.12 -18.07
C LEU D 102 12.19 -40.98 -16.76
N LEU D 103 11.53 -39.84 -16.51
CA LEU D 103 10.80 -39.65 -15.27
C LEU D 103 9.55 -40.52 -15.22
N MET D 104 8.85 -40.66 -16.36
CA MET D 104 7.67 -41.52 -16.38
C MET D 104 8.04 -42.99 -16.18
N GLU D 105 9.21 -43.40 -16.67
CA GLU D 105 9.73 -44.73 -16.40
C GLU D 105 9.99 -44.93 -14.91
N LYS D 106 10.01 -43.85 -14.12
CA LYS D 106 10.13 -43.92 -12.68
C LYS D 106 8.79 -43.78 -11.97
N ASN D 107 7.70 -43.60 -12.73
CA ASN D 107 6.35 -43.43 -12.18
C ASN D 107 6.20 -42.05 -11.52
N VAL D 108 6.69 -41.01 -12.21
CA VAL D 108 6.59 -39.62 -11.76
C VAL D 108 6.08 -38.79 -12.93
N LYS D 109 4.80 -38.38 -12.87
CA LYS D 109 4.11 -37.78 -14.00
C LYS D 109 3.95 -36.26 -13.89
N ILE D 110 4.80 -35.58 -13.12
CA ILE D 110 4.63 -34.12 -12.99
C ILE D 110 5.02 -33.39 -14.27
N TRP D 111 5.93 -33.96 -15.08
CA TRP D 111 6.35 -33.34 -16.33
C TRP D 111 5.69 -33.97 -17.55
N GLU D 112 4.70 -34.85 -17.34
CA GLU D 112 4.06 -35.54 -18.47
C GLU D 112 3.19 -34.59 -19.27
N LYS D 113 2.31 -33.85 -18.59
CA LYS D 113 1.39 -32.96 -19.28
C LYS D 113 2.12 -31.88 -20.07
N ASN D 114 3.32 -31.49 -19.62
CA ASN D 114 4.09 -30.45 -20.28
C ASN D 114 4.90 -30.96 -21.47
N GLY D 115 4.97 -32.27 -21.68
CA GLY D 115 5.83 -32.83 -22.70
C GLY D 115 5.15 -33.73 -23.72
N ASP D 116 3.83 -33.74 -23.74
CA ASP D 116 3.10 -34.56 -24.69
C ASP D 116 2.77 -33.74 -25.94
N ARG D 117 2.12 -34.39 -26.90
CA ARG D 117 1.93 -33.79 -28.22
C ARG D 117 1.15 -32.48 -28.15
N ALA D 118 0.01 -32.50 -27.45
CA ALA D 118 -0.86 -31.32 -27.42
C ALA D 118 -0.10 -30.09 -26.94
N PHE D 119 0.57 -30.18 -25.79
CA PHE D 119 1.25 -29.02 -25.23
C PHE D 119 2.41 -28.58 -26.11
N LEU D 120 3.14 -29.53 -26.69
CA LEU D 120 4.28 -29.17 -27.54
C LEU D 120 3.82 -28.43 -28.80
N ASP D 121 2.82 -28.97 -29.48
CA ASP D 121 2.30 -28.30 -30.68
C ASP D 121 1.77 -26.92 -30.36
N ASN D 122 1.17 -26.75 -29.18
CA ASN D 122 0.63 -25.46 -28.78
C ASN D 122 1.71 -24.40 -28.68
N LEU D 123 2.94 -24.80 -28.37
CA LEU D 123 4.08 -23.88 -28.31
C LEU D 123 4.84 -23.79 -29.63
N GLY D 124 4.41 -24.51 -30.66
CA GLY D 124 5.06 -24.46 -31.95
C GLY D 124 6.21 -25.42 -32.13
N PHE D 125 6.44 -26.32 -31.17
CA PHE D 125 7.48 -27.35 -31.31
C PHE D 125 6.94 -28.56 -32.03
N THR D 126 6.38 -28.34 -33.22
CA THR D 126 5.69 -29.39 -33.95
C THR D 126 6.64 -30.47 -34.46
N SER D 127 7.93 -30.20 -34.50
CA SER D 127 8.92 -31.18 -34.94
C SER D 127 9.53 -31.97 -33.79
N ARG D 128 9.12 -31.70 -32.54
CA ARG D 128 9.79 -32.25 -31.38
C ARG D 128 9.14 -33.56 -30.93
N GLU D 129 9.99 -34.55 -30.64
CA GLU D 129 9.52 -35.82 -30.09
C GLU D 129 8.86 -35.59 -28.72
N GLU D 130 7.89 -36.44 -28.39
CA GLU D 130 7.24 -36.35 -27.09
C GLU D 130 8.24 -36.60 -25.98
N GLY D 131 8.18 -35.75 -24.95
CA GLY D 131 9.06 -35.86 -23.80
C GLY D 131 10.32 -35.02 -23.90
N ASP D 132 10.62 -34.46 -25.07
CA ASP D 132 11.77 -33.57 -25.22
C ASP D 132 11.36 -32.21 -24.70
N LEU D 133 11.65 -31.97 -23.42
CA LEU D 133 11.21 -30.75 -22.74
C LEU D 133 12.03 -29.53 -23.13
N GLY D 134 13.09 -29.70 -23.92
CA GLY D 134 13.94 -28.60 -24.31
C GLY D 134 15.08 -28.38 -23.32
N PRO D 135 15.79 -27.27 -23.48
CA PRO D 135 16.99 -26.99 -22.65
C PRO D 135 16.62 -26.50 -21.25
N VAL D 136 15.90 -27.33 -20.51
CA VAL D 136 15.46 -26.97 -19.16
C VAL D 136 16.59 -27.27 -18.17
N TYR D 137 16.25 -27.23 -16.88
CA TYR D 137 17.19 -27.28 -15.77
C TYR D 137 18.42 -28.15 -16.02
N GLY D 138 18.23 -29.47 -16.15
CA GLY D 138 19.37 -30.37 -16.27
C GLY D 138 20.36 -29.91 -17.32
N PHE D 139 19.87 -29.47 -18.47
CA PHE D 139 20.76 -28.98 -19.52
C PHE D 139 21.50 -27.72 -19.07
N GLN D 140 20.80 -26.81 -18.40
CA GLN D 140 21.43 -25.57 -17.96
C GLN D 140 22.42 -25.83 -16.83
N TRP D 141 22.08 -26.75 -15.91
CA TRP D 141 22.97 -27.03 -14.79
C TRP D 141 24.30 -27.59 -15.27
N ARG D 142 24.30 -28.45 -16.28
CA ARG D 142 25.49 -29.18 -16.67
C ARG D 142 26.09 -28.71 -17.99
N HIS D 143 25.38 -27.93 -18.79
CA HIS D 143 25.89 -27.52 -20.09
C HIS D 143 25.39 -26.12 -20.45
N PHE D 144 25.46 -25.19 -19.50
CA PHE D 144 24.98 -23.84 -19.77
C PHE D 144 25.72 -23.26 -20.97
N GLY D 145 24.96 -22.68 -21.90
CA GLY D 145 25.53 -22.05 -23.08
C GLY D 145 25.74 -22.98 -24.26
N ALA D 146 25.42 -24.26 -24.13
CA ALA D 146 25.62 -25.24 -25.18
C ALA D 146 24.49 -25.19 -26.21
N LYS D 147 24.78 -25.73 -27.39
CA LYS D 147 23.82 -25.77 -28.50
C LYS D 147 22.84 -26.91 -28.26
N TYR D 148 21.61 -26.57 -27.89
CA TYR D 148 20.59 -27.60 -27.72
C TYR D 148 20.05 -28.02 -29.08
N VAL D 149 19.72 -29.30 -29.18
CA VAL D 149 19.07 -29.83 -30.39
C VAL D 149 17.92 -30.75 -29.98
N ASP D 150 18.19 -31.71 -29.11
CA ASP D 150 17.16 -32.60 -28.61
C ASP D 150 17.70 -33.31 -27.37
N CYS D 151 16.83 -34.09 -26.73
CA CYS D 151 17.15 -34.72 -25.46
C CYS D 151 17.94 -36.02 -25.59
N HIS D 152 18.24 -36.45 -26.81
CA HIS D 152 19.04 -37.65 -27.03
C HIS D 152 20.42 -37.34 -27.61
N THR D 153 20.89 -36.12 -27.43
CA THR D 153 22.16 -35.68 -27.98
C THR D 153 23.25 -35.69 -26.91
N ASP D 154 24.44 -36.12 -27.29
CA ASP D 154 25.60 -36.14 -26.40
C ASP D 154 26.15 -34.72 -26.30
N TYR D 155 25.98 -34.09 -25.14
CA TYR D 155 26.44 -32.73 -24.90
C TYR D 155 27.73 -32.69 -24.10
N SER D 156 28.44 -33.80 -23.98
CA SER D 156 29.65 -33.85 -23.16
C SER D 156 30.65 -32.78 -23.61
N GLY D 157 31.10 -31.96 -22.66
CA GLY D 157 32.15 -31.00 -22.94
C GLY D 157 31.76 -29.77 -23.72
N GLN D 158 30.47 -29.55 -23.99
CA GLN D 158 30.09 -28.41 -24.83
C GLN D 158 29.77 -27.17 -24.02
N GLY D 159 28.95 -27.30 -22.97
CA GLY D 159 28.58 -26.19 -22.13
C GLY D 159 29.38 -26.14 -20.85
N VAL D 160 28.97 -25.23 -19.97
CA VAL D 160 29.61 -25.07 -18.67
C VAL D 160 28.90 -26.02 -17.72
N ASP D 161 29.67 -26.82 -16.99
CA ASP D 161 29.12 -27.72 -15.99
C ASP D 161 29.05 -26.96 -14.67
N GLN D 162 27.96 -26.19 -14.51
CA GLN D 162 27.80 -25.40 -13.30
C GLN D 162 27.81 -26.29 -12.06
N LEU D 163 27.18 -27.45 -12.14
CA LEU D 163 27.14 -28.34 -10.99
C LEU D 163 28.51 -28.88 -10.64
N ALA D 164 29.37 -29.08 -11.64
CA ALA D 164 30.75 -29.51 -11.36
C ALA D 164 31.59 -28.36 -10.82
N GLU D 165 31.30 -27.13 -11.25
CA GLU D 165 32.08 -25.98 -10.80
C GLU D 165 31.80 -25.66 -9.33
N VAL D 166 30.52 -25.60 -8.95
CA VAL D 166 30.16 -25.37 -7.55
C VAL D 166 30.87 -26.35 -6.63
N ILE D 167 30.85 -27.63 -6.99
CA ILE D 167 31.47 -28.63 -6.13
C ILE D 167 32.97 -28.37 -6.03
N ARG D 168 33.60 -27.99 -7.14
CA ARG D 168 35.01 -27.63 -7.11
C ARG D 168 35.24 -26.41 -6.23
N GLN D 169 34.39 -25.39 -6.36
CA GLN D 169 34.56 -24.18 -5.57
C GLN D 169 34.47 -24.47 -4.08
N ILE D 170 33.45 -25.25 -3.68
CA ILE D 170 33.26 -25.55 -2.26
C ILE D 170 34.48 -26.27 -1.71
N LYS D 171 35.06 -27.17 -2.49
CA LYS D 171 36.21 -27.95 -2.00
C LYS D 171 37.46 -27.09 -1.95
N GLU D 172 37.71 -26.30 -3.00
CA GLU D 172 38.97 -25.59 -3.14
C GLU D 172 38.92 -24.12 -2.75
N GLN D 173 37.73 -23.53 -2.67
CA GLN D 173 37.57 -22.11 -2.30
C GLN D 173 36.34 -21.94 -1.43
N PRO D 174 36.34 -22.54 -0.23
CA PRO D 174 35.13 -22.49 0.61
C PRO D 174 34.67 -21.07 0.95
N ASP D 175 35.57 -20.09 0.96
CA ASP D 175 35.21 -18.72 1.31
C ASP D 175 34.59 -17.94 0.15
N SER D 176 34.47 -18.54 -1.03
CA SER D 176 34.05 -17.79 -2.21
C SER D 176 32.63 -17.28 -2.06
N ARG D 177 32.39 -16.08 -2.61
CA ARG D 177 31.07 -15.47 -2.62
C ARG D 177 30.42 -15.50 -4.00
N ARG D 178 30.93 -16.34 -4.90
CA ARG D 178 30.42 -16.48 -6.26
C ARG D 178 30.12 -17.94 -6.58
N ILE D 179 29.82 -18.72 -5.54
CA ILE D 179 29.45 -20.12 -5.70
C ILE D 179 27.98 -20.18 -6.09
N ILE D 180 27.72 -20.14 -7.40
CA ILE D 180 26.38 -19.90 -7.90
C ILE D 180 26.07 -20.86 -9.05
N MET D 181 24.81 -21.27 -9.13
CA MET D 181 24.32 -22.10 -10.22
C MET D 181 22.97 -21.55 -10.65
N SER D 182 22.88 -21.09 -11.90
CA SER D 182 21.67 -20.47 -12.42
C SER D 182 21.05 -21.32 -13.50
N ALA D 183 19.72 -21.38 -13.50
CA ALA D 183 18.96 -22.03 -14.55
C ALA D 183 18.33 -21.03 -15.51
N TRP D 184 18.54 -19.73 -15.30
CA TRP D 184 17.91 -18.69 -16.12
C TRP D 184 18.85 -18.35 -17.28
N ASN D 185 18.55 -18.90 -18.45
CA ASN D 185 19.32 -18.63 -19.67
C ASN D 185 18.40 -17.99 -20.68
N PRO D 186 18.39 -16.65 -20.80
CA PRO D 186 17.50 -16.00 -21.76
C PRO D 186 17.58 -16.56 -23.17
N SER D 187 18.76 -17.01 -23.62
CA SER D 187 18.90 -17.50 -25.00
C SER D 187 18.08 -18.76 -25.25
N ASP D 188 17.89 -19.59 -24.23
CA ASP D 188 17.21 -20.86 -24.38
C ASP D 188 15.75 -20.83 -23.93
N LEU D 189 15.29 -19.72 -23.33
CA LEU D 189 13.92 -19.67 -22.82
C LEU D 189 12.90 -20.04 -23.89
N GLY D 190 13.14 -19.61 -25.13
CA GLY D 190 12.15 -19.82 -26.18
C GLY D 190 11.81 -21.29 -26.39
N GLN D 191 12.82 -22.16 -26.31
CA GLN D 191 12.64 -23.59 -26.56
C GLN D 191 12.27 -24.39 -25.32
N MET D 192 12.07 -23.75 -24.17
CA MET D 192 11.66 -24.46 -22.97
C MET D 192 10.15 -24.63 -22.95
N VAL D 193 9.70 -25.84 -22.58
CA VAL D 193 8.27 -26.06 -22.37
C VAL D 193 7.76 -25.21 -21.21
N LEU D 194 8.58 -25.00 -20.19
CA LEU D 194 8.23 -24.19 -19.04
C LEU D 194 9.46 -23.42 -18.61
N PRO D 195 9.35 -22.11 -18.37
CA PRO D 195 10.52 -21.36 -17.90
C PRO D 195 10.89 -21.78 -16.50
N PRO D 196 12.15 -21.59 -16.11
CA PRO D 196 12.56 -21.97 -14.76
C PRO D 196 11.71 -21.25 -13.73
N CYS D 197 11.38 -21.99 -12.65
CA CYS D 197 10.67 -21.40 -11.51
C CYS D 197 11.62 -21.11 -10.37
N HIS D 198 12.42 -22.11 -9.98
CA HIS D 198 13.55 -21.88 -9.08
C HIS D 198 14.74 -21.52 -9.98
N THR D 199 15.01 -20.22 -10.08
CA THR D 199 15.84 -19.66 -11.13
C THR D 199 17.33 -19.63 -10.78
N MET D 200 17.68 -19.65 -9.51
CA MET D 200 19.08 -19.54 -9.13
C MET D 200 19.27 -20.04 -7.70
N CYS D 201 20.50 -20.40 -7.37
CA CYS D 201 20.85 -20.74 -6.01
C CYS D 201 22.30 -20.37 -5.76
N GLN D 202 22.64 -20.12 -4.50
CA GLN D 202 23.99 -19.77 -4.09
C GLN D 202 24.37 -20.62 -2.89
N PHE D 203 25.61 -21.09 -2.88
CA PHE D 203 26.12 -21.90 -1.78
C PHE D 203 27.16 -21.12 -0.99
N TYR D 204 27.43 -21.62 0.22
CA TYR D 204 28.14 -20.83 1.22
C TYR D 204 28.64 -21.75 2.31
N VAL D 205 29.92 -21.62 2.66
CA VAL D 205 30.57 -22.48 3.65
C VAL D 205 30.95 -21.64 4.85
N ASP D 206 30.64 -22.15 6.04
CA ASP D 206 30.91 -21.46 7.29
C ASP D 206 31.10 -22.48 8.40
N ASN D 207 32.30 -22.51 8.98
CA ASN D 207 32.63 -23.44 10.07
C ASN D 207 32.30 -24.88 9.66
N GLY D 208 32.69 -25.24 8.44
CA GLY D 208 32.49 -26.57 7.94
C GLY D 208 31.05 -26.93 7.65
N GLU D 209 30.15 -25.95 7.60
CA GLU D 209 28.74 -26.18 7.31
C GLU D 209 28.40 -25.57 5.96
N LEU D 210 27.72 -26.33 5.11
CA LEU D 210 27.35 -25.89 3.77
C LEU D 210 25.92 -25.36 3.81
N SER D 211 25.76 -24.10 3.40
CA SER D 211 24.45 -23.48 3.31
C SER D 211 24.10 -23.21 1.85
N CYS D 212 22.82 -22.95 1.61
CA CYS D 212 22.31 -22.76 0.26
C CYS D 212 21.17 -21.77 0.28
N GLN D 213 21.27 -20.72 -0.52
CA GLN D 213 20.16 -19.78 -0.73
C GLN D 213 19.57 -20.03 -2.12
N LEU D 214 18.25 -20.12 -2.16
CA LEU D 214 17.50 -20.32 -3.40
C LEU D 214 16.67 -19.08 -3.70
N TYR D 215 16.76 -18.58 -4.93
CA TYR D 215 15.88 -17.52 -5.39
C TYR D 215 14.80 -18.12 -6.27
N GLN D 216 13.55 -17.99 -5.86
CA GLN D 216 12.40 -18.54 -6.56
C GLN D 216 11.52 -17.38 -7.03
N ARG D 217 11.47 -17.17 -8.35
CA ARG D 217 10.73 -16.04 -8.89
C ARG D 217 9.24 -16.13 -8.56
N SER D 218 8.70 -17.34 -8.49
CA SER D 218 7.27 -17.55 -8.33
C SER D 218 7.04 -18.78 -7.47
N GLY D 219 6.13 -18.66 -6.50
CA GLY D 219 5.91 -19.73 -5.56
C GLY D 219 4.47 -19.93 -5.16
N ASP D 220 3.93 -21.10 -5.45
CA ASP D 220 2.59 -21.49 -4.99
C ASP D 220 2.77 -22.09 -3.61
N MET D 221 2.43 -21.31 -2.58
CA MET D 221 2.63 -21.76 -1.21
C MET D 221 1.80 -22.99 -0.87
N GLY D 222 0.83 -23.34 -1.70
CA GLY D 222 -0.03 -24.47 -1.43
C GLY D 222 0.48 -25.79 -1.97
N LEU D 223 1.41 -25.76 -2.92
CA LEU D 223 1.83 -26.99 -3.59
C LEU D 223 3.31 -26.99 -3.97
N GLY D 224 3.69 -26.09 -4.88
CA GLY D 224 5.03 -26.15 -5.44
C GLY D 224 6.11 -25.78 -4.44
N VAL D 225 5.89 -24.74 -3.64
CA VAL D 225 6.93 -24.24 -2.74
C VAL D 225 7.41 -25.32 -1.78
N PRO D 226 6.54 -26.03 -1.06
CA PRO D 226 7.03 -27.10 -0.18
C PRO D 226 7.88 -28.12 -0.93
N PHE D 227 7.52 -28.39 -2.19
CA PHE D 227 8.30 -29.30 -3.01
C PHE D 227 9.70 -28.75 -3.27
N ASN D 228 9.80 -27.45 -3.57
CA ASN D 228 11.11 -26.86 -3.85
C ASN D 228 12.00 -26.89 -2.62
N LEU D 229 11.43 -26.64 -1.44
CA LEU D 229 12.21 -26.70 -0.21
C LEU D 229 12.86 -28.08 -0.06
N ALA D 230 12.11 -29.14 -0.38
CA ALA D 230 12.66 -30.48 -0.30
C ALA D 230 13.71 -30.71 -1.37
N SER D 231 13.45 -30.27 -2.60
CA SER D 231 14.42 -30.42 -3.68
C SER D 231 15.77 -29.84 -3.30
N TYR D 232 15.80 -28.55 -2.96
CA TYR D 232 17.06 -27.89 -2.64
C TYR D 232 17.57 -28.30 -1.26
N GLY D 233 16.67 -28.69 -0.35
CA GLY D 233 17.12 -29.27 0.90
C GLY D 233 17.90 -30.56 0.69
N LEU D 234 17.38 -31.45 -0.16
CA LEU D 234 18.10 -32.67 -0.50
C LEU D 234 19.38 -32.37 -1.25
N LEU D 235 19.33 -31.47 -2.23
CA LEU D 235 20.53 -31.14 -3.00
C LEU D 235 21.66 -30.67 -2.09
N THR D 236 21.35 -29.83 -1.10
CA THR D 236 22.39 -29.38 -0.18
C THR D 236 22.99 -30.56 0.58
N HIS D 237 22.14 -31.46 1.10
CA HIS D 237 22.64 -32.64 1.78
C HIS D 237 23.53 -33.47 0.86
N MET D 238 23.15 -33.58 -0.41
CA MET D 238 23.94 -34.35 -1.37
C MET D 238 25.29 -33.70 -1.62
N ILE D 239 25.29 -32.41 -1.97
CA ILE D 239 26.54 -31.71 -2.22
C ILE D 239 27.39 -31.68 -0.95
N ALA D 240 26.75 -31.55 0.21
CA ALA D 240 27.47 -31.59 1.47
C ALA D 240 28.23 -32.91 1.63
N LYS D 241 27.58 -34.02 1.27
CA LYS D 241 28.23 -35.33 1.40
C LYS D 241 29.37 -35.49 0.40
N VAL D 242 29.17 -35.01 -0.83
CA VAL D 242 30.23 -35.13 -1.83
C VAL D 242 31.47 -34.41 -1.34
N CYS D 243 31.29 -33.25 -0.72
CA CYS D 243 32.37 -32.53 -0.09
C CYS D 243 32.51 -33.05 1.34
N GLY D 244 33.58 -32.64 2.02
CA GLY D 244 33.78 -33.10 3.37
C GLY D 244 33.06 -32.23 4.38
N LEU D 245 31.85 -31.79 4.07
CA LEU D 245 31.14 -30.84 4.92
C LEU D 245 29.86 -31.45 5.49
N LYS D 246 29.27 -30.71 6.47
CA LYS D 246 28.03 -30.99 7.15
C LYS D 246 26.93 -30.06 6.65
N PRO D 247 25.66 -30.46 6.73
CA PRO D 247 24.59 -29.59 6.24
C PRO D 247 24.37 -28.41 7.19
N GLY D 248 24.08 -27.25 6.59
CA GLY D 248 23.90 -26.04 7.36
C GLY D 248 22.49 -25.49 7.34
N THR D 249 22.26 -24.47 6.50
CA THR D 249 20.99 -23.75 6.46
C THR D 249 20.54 -23.57 5.02
N LEU D 250 19.23 -23.69 4.79
CA LEU D 250 18.61 -23.40 3.51
C LEU D 250 17.90 -22.06 3.60
N VAL D 251 18.33 -21.09 2.80
CA VAL D 251 17.70 -19.78 2.72
C VAL D 251 16.79 -19.77 1.50
N HIS D 252 15.50 -19.56 1.71
CA HIS D 252 14.51 -19.61 0.64
C HIS D 252 13.99 -18.19 0.39
N THR D 253 14.45 -17.59 -0.72
CA THR D 253 13.98 -16.27 -1.14
C THR D 253 12.95 -16.43 -2.24
N LEU D 254 11.85 -15.69 -2.12
CA LEU D 254 10.75 -15.75 -3.08
C LEU D 254 10.54 -14.38 -3.71
N GLY D 255 10.25 -14.39 -5.01
CA GLY D 255 9.77 -13.19 -5.67
C GLY D 255 8.28 -13.04 -5.44
N ASP D 256 7.46 -13.60 -6.33
CA ASP D 256 6.01 -13.60 -6.16
C ASP D 256 5.64 -14.83 -5.34
N ALA D 257 5.52 -14.65 -4.03
CA ALA D 257 4.98 -15.66 -3.13
C ALA D 257 3.47 -15.50 -3.08
N HIS D 258 2.73 -16.53 -3.48
CA HIS D 258 1.29 -16.38 -3.65
C HIS D 258 0.56 -17.66 -3.29
N VAL D 259 -0.71 -17.49 -2.93
CA VAL D 259 -1.68 -18.58 -2.82
C VAL D 259 -2.81 -18.28 -3.80
N TYR D 260 -3.44 -19.34 -4.30
CA TYR D 260 -4.56 -19.20 -5.23
C TYR D 260 -5.87 -19.02 -4.49
N SER D 261 -6.69 -18.09 -4.99
CA SER D 261 -7.94 -17.72 -4.32
C SER D 261 -8.84 -18.92 -4.07
N ASN D 262 -8.96 -19.81 -5.07
CA ASN D 262 -9.90 -20.92 -4.94
C ASN D 262 -9.45 -21.97 -3.94
N HIS D 263 -8.21 -21.88 -3.43
CA HIS D 263 -7.65 -22.90 -2.57
C HIS D 263 -7.41 -22.39 -1.15
N VAL D 264 -8.03 -21.28 -0.76
CA VAL D 264 -7.83 -20.75 0.58
C VAL D 264 -8.41 -21.67 1.64
N ASP D 265 -9.50 -22.39 1.33
CA ASP D 265 -10.09 -23.29 2.31
C ASP D 265 -9.07 -24.32 2.79
N ALA D 266 -8.32 -24.92 1.86
CA ALA D 266 -7.37 -25.96 2.23
C ALA D 266 -6.28 -25.43 3.16
N LEU D 267 -5.81 -24.20 2.91
CA LEU D 267 -4.74 -23.65 3.73
C LEU D 267 -5.26 -23.26 5.11
N LYS D 268 -6.49 -22.76 5.19
CA LYS D 268 -7.10 -22.51 6.49
C LYS D 268 -7.01 -23.75 7.38
N ILE D 269 -7.25 -24.92 6.80
CA ILE D 269 -7.09 -26.18 7.53
C ILE D 269 -5.63 -26.39 7.90
N GLN D 270 -4.74 -26.28 6.90
CA GLN D 270 -3.33 -26.52 7.11
C GLN D 270 -2.77 -25.63 8.22
N LEU D 271 -3.24 -24.38 8.30
CA LEU D 271 -2.72 -23.46 9.30
C LEU D 271 -3.09 -23.87 10.72
N ASP D 272 -4.23 -24.53 10.90
CA ASP D 272 -4.66 -24.94 12.24
C ASP D 272 -3.94 -26.18 12.75
N ARG D 273 -2.97 -26.70 12.01
CA ARG D 273 -2.26 -27.90 12.40
C ARG D 273 -0.92 -27.56 13.05
N GLU D 274 -0.59 -28.25 14.13
CA GLU D 274 0.70 -28.08 14.78
C GLU D 274 1.72 -28.96 14.09
N PRO D 275 2.82 -28.41 13.55
CA PRO D 275 3.76 -29.25 12.80
C PRO D 275 4.45 -30.28 13.69
N TYR D 276 4.63 -31.48 13.14
CA TYR D 276 5.51 -32.46 13.72
C TYR D 276 6.96 -32.14 13.37
N ALA D 277 7.88 -32.93 13.96
CA ALA D 277 9.29 -32.75 13.65
C ALA D 277 9.59 -33.11 12.20
N PHE D 278 10.56 -32.42 11.63
CA PHE D 278 10.97 -32.73 10.27
C PHE D 278 11.60 -34.12 10.20
N PRO D 279 11.53 -34.79 9.05
CA PRO D 279 12.28 -36.04 8.88
C PRO D 279 13.76 -35.78 8.70
N LYS D 280 14.54 -36.84 8.56
CA LYS D 280 15.99 -36.72 8.39
C LYS D 280 16.43 -37.55 7.21
N ILE D 281 17.43 -37.06 6.49
CA ILE D 281 18.00 -37.77 5.35
C ILE D 281 19.16 -38.63 5.84
N ARG D 282 19.32 -39.79 5.20
CA ARG D 282 20.41 -40.71 5.53
C ARG D 282 20.90 -41.39 4.26
N PHE D 283 22.18 -41.23 3.97
CA PHE D 283 22.81 -41.84 2.80
C PHE D 283 23.46 -43.16 3.21
N THR D 284 23.04 -44.26 2.59
CA THR D 284 23.38 -45.59 3.05
C THR D 284 24.69 -46.13 2.46
N ARG D 285 25.34 -45.38 1.57
CA ARG D 285 26.67 -45.74 1.08
C ARG D 285 27.42 -44.48 0.71
N ASP D 286 28.71 -44.65 0.42
CA ASP D 286 29.54 -43.54 -0.02
C ASP D 286 29.30 -43.26 -1.49
N VAL D 287 29.80 -42.12 -1.96
CA VAL D 287 29.62 -41.68 -3.34
C VAL D 287 30.94 -41.11 -3.85
N ALA D 288 31.27 -41.45 -5.10
CA ALA D 288 32.49 -40.95 -5.72
C ALA D 288 32.32 -39.54 -6.28
N SER D 289 31.09 -39.10 -6.53
CA SER D 289 30.82 -37.79 -7.08
C SER D 289 29.33 -37.52 -6.94
N ILE D 290 28.92 -36.31 -7.31
CA ILE D 290 27.51 -35.95 -7.30
C ILE D 290 26.70 -36.79 -8.27
N ASP D 291 27.37 -37.39 -9.26
CA ASP D 291 26.70 -38.20 -10.27
C ASP D 291 26.56 -39.67 -9.86
N ASP D 292 27.01 -40.05 -8.67
CA ASP D 292 27.03 -41.44 -8.24
C ASP D 292 25.93 -41.75 -7.22
N PHE D 293 24.85 -40.96 -7.21
CA PHE D 293 23.74 -41.19 -6.31
C PHE D 293 22.67 -42.03 -6.98
N THR D 294 21.91 -42.74 -6.16
CA THR D 294 20.81 -43.56 -6.67
C THR D 294 19.69 -43.57 -5.63
N SER D 295 18.47 -43.80 -6.12
CA SER D 295 17.30 -43.73 -5.24
C SER D 295 17.35 -44.76 -4.13
N ASP D 296 18.01 -45.90 -4.36
CA ASP D 296 18.02 -46.98 -3.37
C ASP D 296 18.85 -46.66 -2.14
N MET D 297 19.67 -45.59 -2.18
CA MET D 297 20.56 -45.27 -1.08
C MET D 297 20.28 -43.90 -0.46
N ILE D 298 19.17 -43.27 -0.82
CA ILE D 298 18.72 -42.03 -0.18
C ILE D 298 17.53 -42.40 0.69
N ALA D 299 17.76 -42.44 2.01
CA ALA D 299 16.73 -42.86 2.96
C ALA D 299 16.12 -41.65 3.65
N LEU D 300 14.80 -41.71 3.87
CA LEU D 300 14.06 -40.67 4.57
C LEU D 300 13.44 -41.28 5.82
N ASP D 301 13.85 -40.79 6.98
CA ASP D 301 13.48 -41.37 8.26
C ASP D 301 12.45 -40.54 8.99
N ASP D 302 11.42 -41.20 9.51
CA ASP D 302 10.49 -40.60 10.45
C ASP D 302 9.77 -39.41 9.82
N TYR D 303 9.28 -39.61 8.60
CA TYR D 303 8.47 -38.59 7.95
C TYR D 303 7.03 -38.82 8.39
N LYS D 304 6.61 -38.09 9.43
CA LYS D 304 5.26 -38.18 9.96
C LYS D 304 4.48 -36.94 9.53
N CYS D 305 3.31 -37.16 8.96
CA CYS D 305 2.49 -36.09 8.44
C CYS D 305 1.11 -36.10 9.08
N HIS D 306 0.44 -34.95 8.99
CA HIS D 306 -0.97 -34.89 9.29
C HIS D 306 -1.75 -35.54 8.16
N PRO D 307 -2.98 -35.96 8.40
CA PRO D 307 -3.72 -36.67 7.35
C PRO D 307 -3.84 -35.80 6.10
N LYS D 308 -4.12 -36.46 4.99
CA LYS D 308 -4.20 -35.76 3.71
C LYS D 308 -5.24 -34.64 3.82
N ILE D 309 -5.12 -33.67 2.92
CA ILE D 309 -5.99 -32.50 2.93
C ILE D 309 -6.91 -32.60 1.73
N PRO D 310 -8.23 -32.54 1.91
CA PRO D 310 -9.12 -32.57 0.74
C PRO D 310 -8.84 -31.41 -0.20
N MET D 311 -8.60 -31.74 -1.47
CA MET D 311 -8.34 -30.73 -2.49
C MET D 311 -9.42 -29.67 -2.52
N ASP D 312 -9.17 -28.56 -3.22
CA ASP D 312 -10.14 -27.48 -3.36
C ASP D 312 -10.45 -27.23 -4.82
#